data_7LZ1
#
_entry.id   7LZ1
#
_cell.length_a   74.509
_cell.length_b   74.509
_cell.length_c   507.975
_cell.angle_alpha   90.000
_cell.angle_beta   90.000
_cell.angle_gamma   120.000
#
_symmetry.space_group_name_H-M   'P 65 2 2'
#
loop_
_entity.id
_entity.type
_entity.pdbx_description
1 polymer 'Glutamate receptor 3.4'
2 non-polymer SERINE
3 non-polymer GLYCEROL
4 non-polymer 'SULFATE ION'
5 water water
#
_entity_poly.entity_id   1
_entity_poly.type   'polypeptide(L)'
_entity_poly.pdbx_seq_one_letter_code
;MHHHHHHHHSSGLVPRGSAMGSKPLRIGVPNRVSYTDYVSKDKNPPGVRGYCIDVFEAAIELLPYPVPRTYILYGDGKRN
PSYDNLVNEVVADNFDVAVGDITIVTNRTRYVDFTQPFIESGLVVVAPVKEAGTIEGIDSLVTSNEPIGVQDGTFARNYL
INELNILPSRIVPLKDEEQYLSALQRGPNAGGVAAIVDELPYIEVLLTNSNCKFRTVGQEFTRTGWGFAFQRDSPLAVDM
STAILQLSEEGELEKIHRKWLNYKHECS
;
_entity_poly.pdbx_strand_id   A,B,C
#
loop_
_chem_comp.id
_chem_comp.type
_chem_comp.name
_chem_comp.formula
GOL non-polymer GLYCEROL 'C3 H8 O3'
SO4 non-polymer 'SULFATE ION' 'O4 S -2'
#
# COMPACT_ATOMS: atom_id res chain seq x y z
N GLY A 17 18.99 39.35 -24.77
CA GLY A 17 18.20 38.98 -23.56
C GLY A 17 18.14 37.48 -23.34
N SER A 18 17.63 37.04 -22.18
CA SER A 18 17.57 35.60 -21.84
C SER A 18 16.66 34.87 -22.84
N ALA A 19 17.08 33.70 -23.27
CA ALA A 19 16.37 32.92 -24.29
C ALA A 19 15.26 32.07 -23.67
N MET A 20 15.48 31.49 -22.49
CA MET A 20 14.57 30.46 -21.95
C MET A 20 13.30 31.14 -21.40
N GLY A 21 12.12 30.77 -21.96
CA GLY A 21 10.85 31.37 -21.54
C GLY A 21 10.31 30.67 -20.30
N SER A 22 9.17 31.17 -19.84
CA SER A 22 8.35 30.68 -18.70
C SER A 22 7.59 29.41 -19.11
N LYS A 23 7.43 28.45 -18.19
CA LYS A 23 6.51 27.31 -18.36
C LYS A 23 5.08 27.81 -18.19
N PRO A 24 4.17 27.42 -19.11
CA PRO A 24 2.77 27.78 -18.99
C PRO A 24 2.09 27.04 -17.83
N LEU A 25 1.01 27.61 -17.35
CA LEU A 25 0.14 26.98 -16.33
C LEU A 25 -0.36 25.65 -16.88
N ARG A 26 -0.09 24.54 -16.18
CA ARG A 26 -0.54 23.21 -16.59
C ARG A 26 -1.90 22.97 -15.93
N ILE A 27 -2.96 23.03 -16.72
CA ILE A 27 -4.35 22.89 -16.19
C ILE A 27 -4.83 21.45 -16.41
N GLY A 28 -5.02 20.64 -15.36
CA GLY A 28 -5.65 19.33 -15.48
C GLY A 28 -7.18 19.40 -15.45
N VAL A 29 -7.81 18.78 -16.45
CA VAL A 29 -9.29 18.86 -16.68
C VAL A 29 -9.83 17.45 -16.70
N PRO A 30 -10.83 17.12 -15.87
CA PRO A 30 -11.37 15.76 -15.89
C PRO A 30 -12.09 15.48 -17.22
N ASN A 31 -11.75 14.35 -17.81
CA ASN A 31 -12.28 13.89 -19.11
C ASN A 31 -13.62 13.21 -18.86
N ARG A 32 -14.65 14.02 -18.61
CA ARG A 32 -15.99 13.52 -18.17
C ARG A 32 -16.67 12.78 -19.32
N VAL A 33 -17.38 11.71 -18.99
CA VAL A 33 -18.23 10.94 -19.97
C VAL A 33 -19.71 11.20 -19.75
N SER A 34 -20.07 11.73 -18.60
CA SER A 34 -21.46 12.07 -18.23
C SER A 34 -21.52 13.53 -17.79
N TYR A 35 -22.67 14.17 -17.95
CA TYR A 35 -22.95 15.55 -17.49
C TYR A 35 -21.88 16.45 -18.12
N THR A 36 -21.70 16.31 -19.43
CA THR A 36 -20.59 16.95 -20.14
C THR A 36 -20.80 18.45 -20.38
N ASP A 37 -21.96 19.01 -20.08
CA ASP A 37 -22.16 20.48 -20.11
C ASP A 37 -21.38 21.14 -18.96
N TYR A 38 -20.99 20.40 -17.92
CA TYR A 38 -20.19 21.01 -16.84
C TYR A 38 -18.74 21.14 -17.31
N VAL A 39 -18.18 20.07 -17.84
CA VAL A 39 -16.80 20.16 -18.42
C VAL A 39 -16.57 18.89 -19.20
N SER A 40 -15.90 19.00 -20.35
CA SER A 40 -15.57 17.84 -21.21
C SER A 40 -14.54 18.21 -22.26
N LYS A 41 -14.06 17.18 -22.95
CA LYS A 41 -13.17 17.36 -24.12
C LYS A 41 -13.92 18.10 -25.22
N ASP A 42 -13.16 18.73 -26.10
CA ASP A 42 -13.63 19.52 -27.27
C ASP A 42 -12.73 19.09 -28.41
N LYS A 43 -13.28 18.81 -29.60
CA LYS A 43 -12.51 18.45 -30.81
C LYS A 43 -11.63 19.65 -31.21
N ASN A 44 -12.05 20.86 -30.86
CA ASN A 44 -11.41 22.14 -31.25
C ASN A 44 -10.57 22.69 -30.08
N PRO A 45 -9.43 23.40 -30.34
CA PRO A 45 -8.74 24.14 -29.28
C PRO A 45 -9.71 25.02 -28.49
N PRO A 46 -9.55 25.18 -27.14
CA PRO A 46 -8.37 24.72 -26.42
C PRO A 46 -8.37 23.23 -26.04
N GLY A 47 -9.30 22.41 -26.58
CA GLY A 47 -9.35 20.95 -26.40
C GLY A 47 -10.30 20.56 -25.26
N VAL A 48 -10.86 21.56 -24.59
CA VAL A 48 -11.85 21.39 -23.50
C VAL A 48 -12.92 22.45 -23.62
N ARG A 49 -14.08 22.20 -23.02
CA ARG A 49 -15.24 23.10 -23.07
C ARG A 49 -16.17 22.85 -21.89
N GLY A 50 -17.07 23.76 -21.69
CA GLY A 50 -18.19 23.61 -20.76
C GLY A 50 -18.22 24.73 -19.75
N TYR A 51 -19.23 24.64 -18.88
CA TYR A 51 -19.50 25.65 -17.85
C TYR A 51 -18.21 25.97 -17.07
N CYS A 52 -17.48 24.99 -16.55
CA CYS A 52 -16.38 25.29 -15.60
C CYS A 52 -15.21 25.93 -16.39
N ILE A 53 -15.07 25.60 -17.68
CA ILE A 53 -13.98 26.14 -18.53
C ILE A 53 -14.30 27.61 -18.79
N ASP A 54 -15.56 27.91 -19.17
CA ASP A 54 -15.94 29.31 -19.42
C ASP A 54 -15.75 30.15 -18.14
N VAL A 55 -16.14 29.63 -16.96
CA VAL A 55 -15.88 30.38 -15.71
C VAL A 55 -14.38 30.59 -15.51
N PHE A 56 -13.59 29.54 -15.66
CA PHE A 56 -12.13 29.68 -15.45
C PHE A 56 -11.56 30.76 -16.37
N GLU A 57 -11.93 30.71 -17.67
CA GLU A 57 -11.42 31.65 -18.68
C GLU A 57 -11.86 33.06 -18.34
N ALA A 58 -13.11 33.24 -17.93
CA ALA A 58 -13.65 34.57 -17.58
C ALA A 58 -12.89 35.13 -16.39
N ALA A 59 -12.53 34.26 -15.44
CA ALA A 59 -11.78 34.67 -14.24
C ALA A 59 -10.34 35.00 -14.61
N ILE A 60 -9.73 34.21 -15.47
CA ILE A 60 -8.34 34.47 -15.95
C ILE A 60 -8.30 35.84 -16.60
N GLU A 61 -9.35 36.17 -17.34
CA GLU A 61 -9.34 37.44 -18.11
C GLU A 61 -9.34 38.62 -17.13
N LEU A 62 -9.88 38.45 -15.92
CA LEU A 62 -9.90 39.55 -14.93
C LEU A 62 -8.62 39.70 -14.15
N LEU A 63 -7.65 38.80 -14.26
CA LEU A 63 -6.40 38.90 -13.47
C LEU A 63 -5.56 40.05 -14.04
N PRO A 64 -4.84 40.76 -13.17
CA PRO A 64 -4.04 41.91 -13.61
C PRO A 64 -2.68 41.53 -14.22
N TYR A 65 -2.58 40.35 -14.86
CA TYR A 65 -1.34 39.87 -15.52
C TYR A 65 -1.76 38.78 -16.50
N PRO A 66 -1.03 38.57 -17.60
CA PRO A 66 -1.30 37.43 -18.47
C PRO A 66 -0.99 36.12 -17.73
N VAL A 67 -1.63 35.03 -18.15
CA VAL A 67 -1.39 33.69 -17.59
C VAL A 67 -1.31 32.73 -18.77
N PRO A 68 -0.12 32.65 -19.43
CA PRO A 68 0.07 31.60 -20.41
C PRO A 68 -0.33 30.24 -19.84
N ARG A 69 -1.08 29.45 -20.62
CA ARG A 69 -1.69 28.25 -20.02
C ARG A 69 -2.02 27.23 -21.10
N THR A 70 -2.19 25.99 -20.63
CA THR A 70 -2.64 24.89 -21.49
C THR A 70 -3.52 23.94 -20.68
N TYR A 71 -4.49 23.34 -21.38
CA TYR A 71 -5.49 22.44 -20.77
C TYR A 71 -5.10 21.01 -21.13
N ILE A 72 -4.92 20.20 -20.11
CA ILE A 72 -4.51 18.77 -20.28
C ILE A 72 -5.61 17.88 -19.72
N LEU A 73 -6.18 17.02 -20.58
CA LEU A 73 -7.26 16.10 -20.14
C LEU A 73 -6.71 15.05 -19.21
N TYR A 74 -7.51 14.68 -18.22
CA TYR A 74 -7.18 13.64 -17.23
C TYR A 74 -8.28 12.58 -17.23
N GLY A 75 -7.92 11.33 -17.55
CA GLY A 75 -8.83 10.16 -17.67
C GLY A 75 -8.82 9.56 -19.06
N ASP A 76 -9.21 8.27 -19.16
CA ASP A 76 -9.20 7.47 -20.40
C ASP A 76 -10.43 7.77 -21.26
N GLY A 77 -11.42 8.53 -20.78
CA GLY A 77 -12.59 8.95 -21.57
C GLY A 77 -13.57 7.81 -21.76
N LYS A 78 -13.44 6.76 -20.94
CA LYS A 78 -14.38 5.61 -20.90
C LYS A 78 -15.26 5.73 -19.65
N ARG A 79 -14.67 6.07 -18.51
CA ARG A 79 -15.38 6.32 -17.23
C ARG A 79 -14.92 7.67 -16.72
N ASN A 80 -15.74 8.35 -15.94
CA ASN A 80 -15.32 9.58 -15.25
C ASN A 80 -14.06 9.21 -14.47
N PRO A 81 -13.01 10.06 -14.46
CA PRO A 81 -11.82 9.74 -13.68
C PRO A 81 -12.04 9.90 -12.17
N SER A 82 -11.09 9.41 -11.38
CA SER A 82 -11.01 9.69 -9.92
C SER A 82 -10.69 11.16 -9.72
N TYR A 83 -11.61 11.94 -9.14
CA TYR A 83 -11.34 13.35 -8.81
C TYR A 83 -10.31 13.49 -7.68
N ASP A 84 -10.30 12.57 -6.76
CA ASP A 84 -9.24 12.58 -5.71
C ASP A 84 -7.86 12.41 -6.38
N ASN A 85 -7.74 11.51 -7.35
CA ASN A 85 -6.47 11.28 -8.08
C ASN A 85 -6.14 12.49 -8.93
N LEU A 86 -7.15 13.13 -9.55
CA LEU A 86 -6.85 14.37 -10.30
C LEU A 86 -6.26 15.44 -9.38
N VAL A 87 -6.88 15.65 -8.21
CA VAL A 87 -6.42 16.66 -7.23
C VAL A 87 -5.01 16.25 -6.78
N ASN A 88 -4.74 14.97 -6.61
CA ASN A 88 -3.41 14.60 -6.07
C ASN A 88 -2.36 14.83 -7.18
N GLU A 89 -2.74 14.89 -8.44
CA GLU A 89 -1.78 15.17 -9.55
C GLU A 89 -1.33 16.63 -9.44
N VAL A 90 -2.15 17.50 -8.87
CA VAL A 90 -1.78 18.91 -8.58
C VAL A 90 -0.79 18.88 -7.40
N VAL A 91 -1.15 18.14 -6.36
CA VAL A 91 -0.33 18.02 -5.12
C VAL A 91 1.06 17.52 -5.53
N ALA A 92 1.11 16.57 -6.46
CA ALA A 92 2.36 15.89 -6.91
C ALA A 92 3.09 16.72 -7.98
N ASP A 93 2.57 17.90 -8.36
CA ASP A 93 3.27 18.86 -9.24
C ASP A 93 3.33 18.33 -10.67
N ASN A 94 2.36 17.49 -11.07
CA ASN A 94 2.16 17.09 -12.49
C ASN A 94 1.24 18.11 -13.19
N PHE A 95 0.35 18.75 -12.46
CA PHE A 95 -0.46 19.89 -12.91
C PHE A 95 -0.24 21.01 -11.92
N ASP A 96 -0.52 22.22 -12.35
CA ASP A 96 -0.47 23.41 -11.49
C ASP A 96 -1.85 23.65 -10.88
N VAL A 97 -2.90 23.23 -11.56
CA VAL A 97 -4.28 23.48 -11.10
C VAL A 97 -5.16 22.39 -11.69
N ALA A 98 -6.22 22.06 -10.96
CA ALA A 98 -7.34 21.24 -11.45
C ALA A 98 -8.54 22.13 -11.68
N VAL A 99 -9.08 22.06 -12.91
CA VAL A 99 -10.15 22.96 -13.35
C VAL A 99 -11.29 22.08 -13.84
N GLY A 100 -12.47 22.29 -13.31
CA GLY A 100 -13.66 21.50 -13.66
C GLY A 100 -14.62 21.56 -12.48
N ASP A 101 -15.43 20.54 -12.41
CA ASP A 101 -16.46 20.37 -11.38
C ASP A 101 -15.83 19.76 -10.13
N ILE A 102 -14.88 20.47 -9.51
CA ILE A 102 -14.03 19.87 -8.46
C ILE A 102 -14.65 20.21 -7.11
N THR A 103 -15.23 19.23 -6.47
CA THR A 103 -15.85 19.46 -5.15
C THR A 103 -14.80 19.80 -4.09
N ILE A 104 -15.11 20.80 -3.31
CA ILE A 104 -14.28 21.22 -2.14
C ILE A 104 -14.54 20.30 -0.96
N VAL A 105 -13.76 19.22 -0.89
CA VAL A 105 -13.87 18.13 0.10
C VAL A 105 -12.75 18.29 1.14
N THR A 106 -13.07 17.99 2.39
CA THR A 106 -12.17 18.09 3.55
C THR A 106 -10.79 17.57 3.21
N ASN A 107 -10.64 16.33 2.70
CA ASN A 107 -9.29 15.70 2.52
C ASN A 107 -8.51 16.52 1.49
N ARG A 108 -9.17 17.03 0.47
CA ARG A 108 -8.48 17.74 -0.62
C ARG A 108 -8.00 19.10 -0.11
N THR A 109 -8.72 19.76 0.78
CA THR A 109 -8.33 21.08 1.32
C THR A 109 -7.03 20.98 2.18
N ARG A 110 -6.64 19.78 2.62
CA ARG A 110 -5.37 19.61 3.37
C ARG A 110 -4.17 19.85 2.47
N TYR A 111 -4.30 19.66 1.17
CA TYR A 111 -3.13 19.59 0.27
C TYR A 111 -3.17 20.60 -0.87
N VAL A 112 -4.34 21.07 -1.30
CA VAL A 112 -4.43 22.12 -2.35
C VAL A 112 -5.06 23.39 -1.78
N ASP A 113 -4.94 24.51 -2.55
CA ASP A 113 -5.59 25.79 -2.22
C ASP A 113 -6.71 25.96 -3.22
N PHE A 114 -7.93 25.66 -2.79
CA PHE A 114 -9.11 25.97 -3.61
C PHE A 114 -9.36 27.45 -3.58
N THR A 115 -9.89 27.91 -4.70
CA THR A 115 -10.59 29.20 -4.69
C THR A 115 -11.82 29.15 -3.81
N GLN A 116 -12.33 30.36 -3.50
CA GLN A 116 -13.74 30.47 -3.11
C GLN A 116 -14.55 29.71 -4.15
N PRO A 117 -15.66 29.07 -3.75
CA PRO A 117 -16.48 28.33 -4.70
C PRO A 117 -17.07 29.22 -5.80
N PHE A 118 -17.18 28.68 -7.01
CA PHE A 118 -17.86 29.39 -8.13
C PHE A 118 -19.30 28.88 -8.28
N ILE A 119 -19.68 27.78 -7.67
CA ILE A 119 -21.07 27.25 -7.66
C ILE A 119 -21.28 26.47 -6.37
N GLU A 120 -22.46 26.59 -5.80
CA GLU A 120 -22.86 25.80 -4.62
C GLU A 120 -23.18 24.37 -5.04
N SER A 121 -22.82 23.46 -4.17
CA SER A 121 -23.12 22.03 -4.33
C SER A 121 -23.49 21.41 -2.99
N GLY A 122 -23.90 20.16 -3.06
CA GLY A 122 -24.44 19.42 -1.90
C GLY A 122 -24.93 18.10 -2.43
N LEU A 123 -24.94 17.10 -1.57
CA LEU A 123 -25.51 15.78 -1.96
C LEU A 123 -27.01 15.75 -1.73
N VAL A 124 -27.68 15.04 -2.63
CA VAL A 124 -29.14 14.75 -2.58
C VAL A 124 -29.36 13.28 -2.84
N VAL A 125 -30.55 12.82 -2.43
CA VAL A 125 -31.03 11.44 -2.72
C VAL A 125 -32.06 11.55 -3.83
N VAL A 126 -31.93 10.71 -4.84
CA VAL A 126 -32.87 10.59 -5.98
C VAL A 126 -33.46 9.18 -6.01
N ALA A 127 -34.80 9.10 -6.09
CA ALA A 127 -35.52 7.83 -6.11
C ALA A 127 -36.72 7.96 -7.05
N PRO A 128 -37.26 6.80 -7.48
CA PRO A 128 -38.52 6.83 -8.26
C PRO A 128 -39.62 7.44 -7.38
N VAL A 129 -40.50 8.23 -8.02
CA VAL A 129 -41.74 8.77 -7.40
C VAL A 129 -42.47 7.66 -6.61
N LYS A 130 -42.61 6.48 -7.19
CA LYS A 130 -43.36 5.34 -6.60
C LYS A 130 -42.67 4.86 -5.32
N GLU A 131 -41.37 5.10 -5.15
CA GLU A 131 -40.59 4.55 -4.02
C GLU A 131 -40.54 5.55 -2.85
N ALA A 132 -41.12 6.75 -2.95
CA ALA A 132 -40.86 7.83 -1.96
C ALA A 132 -41.60 7.57 -0.65
N GLY A 133 -42.42 6.53 -0.57
CA GLY A 133 -43.05 6.15 0.72
C GLY A 133 -42.11 5.33 1.60
N THR A 134 -41.11 4.69 0.99
CA THR A 134 -40.12 3.92 1.78
C THR A 134 -38.75 4.60 1.77
N ILE A 135 -38.38 5.32 0.71
CA ILE A 135 -37.09 6.07 0.62
C ILE A 135 -37.44 7.57 0.65
N GLU A 136 -37.33 8.22 1.80
CA GLU A 136 -37.80 9.63 1.95
C GLU A 136 -36.63 10.58 2.12
N GLY A 137 -35.42 10.07 2.06
CA GLY A 137 -34.24 10.88 2.42
C GLY A 137 -33.07 10.02 2.79
N ILE A 138 -31.98 10.67 3.20
CA ILE A 138 -30.70 9.92 3.42
C ILE A 138 -30.90 8.97 4.61
N ASP A 139 -31.61 9.39 5.65
CA ASP A 139 -31.78 8.57 6.88
C ASP A 139 -32.50 7.26 6.56
N SER A 140 -33.62 7.31 5.85
CA SER A 140 -34.35 6.09 5.44
C SER A 140 -33.52 5.27 4.44
N LEU A 141 -32.72 5.92 3.60
CA LEU A 141 -31.88 5.21 2.64
C LEU A 141 -30.81 4.44 3.41
N VAL A 142 -30.19 5.06 4.40
CA VAL A 142 -29.16 4.38 5.25
C VAL A 142 -29.82 3.11 5.81
N THR A 143 -30.95 3.27 6.50
CA THR A 143 -31.50 2.15 7.30
C THR A 143 -32.12 1.08 6.39
N SER A 144 -32.43 1.39 5.11
CA SER A 144 -33.04 0.45 4.13
C SER A 144 -32.14 -0.74 3.89
N ASN A 145 -30.82 -0.59 4.01
CA ASN A 145 -29.82 -1.66 3.69
C ASN A 145 -29.85 -2.02 2.19
N GLU A 146 -30.43 -1.17 1.33
CA GLU A 146 -30.51 -1.46 -0.11
C GLU A 146 -29.29 -0.83 -0.80
N PRO A 147 -29.05 -1.23 -2.06
CA PRO A 147 -27.96 -0.68 -2.87
C PRO A 147 -28.21 0.79 -3.22
N ILE A 148 -27.12 1.53 -3.35
CA ILE A 148 -27.08 3.00 -3.55
C ILE A 148 -26.18 3.23 -4.77
N GLY A 149 -26.69 3.86 -5.81
CA GLY A 149 -25.92 4.22 -7.00
C GLY A 149 -25.15 5.51 -6.78
N VAL A 150 -23.94 5.56 -7.34
CA VAL A 150 -23.10 6.77 -7.37
C VAL A 150 -22.43 6.86 -8.72
N GLN A 151 -21.92 8.04 -9.04
CA GLN A 151 -21.06 8.19 -10.24
C GLN A 151 -19.75 7.43 -10.02
N ASP A 152 -19.09 7.10 -11.11
CA ASP A 152 -17.62 6.78 -11.11
C ASP A 152 -16.84 8.03 -10.70
N GLY A 153 -15.81 7.87 -9.83
CA GLY A 153 -14.79 8.96 -9.70
C GLY A 153 -15.11 10.01 -8.63
N THR A 154 -16.33 10.01 -8.06
CA THR A 154 -16.81 11.05 -7.13
C THR A 154 -16.28 10.80 -5.72
N PHE A 155 -16.14 11.89 -4.98
CA PHE A 155 -15.90 11.88 -3.52
C PHE A 155 -17.05 11.18 -2.77
N ALA A 156 -18.21 11.08 -3.43
CA ALA A 156 -19.43 10.68 -2.71
C ALA A 156 -19.31 9.25 -2.19
N ARG A 157 -18.60 8.37 -2.91
CA ARG A 157 -18.48 6.97 -2.44
C ARG A 157 -17.85 6.98 -1.06
N ASN A 158 -16.68 7.59 -0.85
CA ASN A 158 -16.02 7.53 0.47
C ASN A 158 -16.81 8.35 1.49
N TYR A 159 -17.50 9.40 1.03
CA TYR A 159 -18.35 10.19 1.91
C TYR A 159 -19.41 9.31 2.52
N LEU A 160 -20.08 8.50 1.68
CA LEU A 160 -21.18 7.63 2.18
C LEU A 160 -20.61 6.64 3.19
N ILE A 161 -19.47 6.03 2.86
CA ILE A 161 -18.87 4.99 3.73
C ILE A 161 -18.48 5.64 5.08
N ASN A 162 -17.74 6.73 5.03
CA ASN A 162 -17.10 7.29 6.25
C ASN A 162 -18.04 8.19 7.05
N GLU A 163 -18.93 8.95 6.39
CA GLU A 163 -19.77 9.94 7.10
C GLU A 163 -21.17 9.40 7.34
N LEU A 164 -21.68 8.48 6.52
CA LEU A 164 -23.08 8.02 6.64
C LEU A 164 -23.15 6.54 7.04
N ASN A 165 -22.00 5.90 7.24
CA ASN A 165 -21.96 4.50 7.78
C ASN A 165 -22.52 3.52 6.74
N ILE A 166 -22.26 3.73 5.48
CA ILE A 166 -22.80 2.80 4.46
C ILE A 166 -21.79 1.67 4.32
N LEU A 167 -22.25 0.43 4.42
CA LEU A 167 -21.44 -0.74 4.07
C LEU A 167 -20.96 -0.65 2.63
N PRO A 168 -19.63 -0.77 2.36
CA PRO A 168 -19.10 -0.49 1.03
C PRO A 168 -19.73 -1.31 -0.11
N SER A 169 -20.12 -2.55 0.16
CA SER A 169 -20.75 -3.47 -0.83
C SER A 169 -22.08 -2.92 -1.34
N ARG A 170 -22.72 -2.02 -0.60
CA ARG A 170 -24.00 -1.41 -1.02
C ARG A 170 -23.82 -0.37 -2.13
N ILE A 171 -22.61 0.13 -2.32
CA ILE A 171 -22.39 1.26 -3.25
C ILE A 171 -22.11 0.72 -4.63
N VAL A 172 -22.92 1.17 -5.58
CA VAL A 172 -22.86 0.68 -6.98
C VAL A 172 -22.44 1.83 -7.88
N PRO A 173 -21.18 1.84 -8.38
CA PRO A 173 -20.77 2.87 -9.33
C PRO A 173 -21.44 2.65 -10.67
N LEU A 174 -21.89 3.73 -11.27
CA LEU A 174 -22.64 3.72 -12.55
C LEU A 174 -21.97 4.67 -13.56
N LYS A 175 -22.02 4.33 -14.85
CA LYS A 175 -21.12 4.93 -15.89
C LYS A 175 -21.62 6.26 -16.41
N ASP A 176 -22.93 6.39 -16.64
CA ASP A 176 -23.50 7.49 -17.42
C ASP A 176 -24.99 7.58 -17.20
N GLU A 177 -25.61 8.55 -17.82
CA GLU A 177 -27.02 8.84 -17.51
C GLU A 177 -27.83 7.58 -17.85
N GLU A 178 -27.54 6.89 -18.94
CA GLU A 178 -28.31 5.68 -19.34
C GLU A 178 -28.27 4.65 -18.21
N GLN A 179 -27.13 4.51 -17.55
CA GLN A 179 -27.03 3.56 -16.41
C GLN A 179 -27.65 4.12 -15.15
N TYR A 180 -27.57 5.42 -14.89
CA TYR A 180 -28.22 6.03 -13.69
C TYR A 180 -29.71 5.71 -13.77
N LEU A 181 -30.31 5.96 -14.95
CA LEU A 181 -31.76 5.75 -15.22
C LEU A 181 -32.08 4.27 -15.18
N SER A 182 -31.30 3.42 -15.83
CA SER A 182 -31.51 1.95 -15.84
C SER A 182 -31.52 1.43 -14.38
N ALA A 183 -30.56 1.87 -13.57
CA ALA A 183 -30.42 1.33 -12.20
C ALA A 183 -31.59 1.75 -11.34
N LEU A 184 -32.07 2.96 -11.49
CA LEU A 184 -33.24 3.42 -10.69
C LEU A 184 -34.49 2.67 -11.16
N GLN A 185 -34.62 2.44 -12.45
CA GLN A 185 -35.85 1.82 -13.04
C GLN A 185 -35.91 0.36 -12.58
N ARG A 186 -34.80 -0.38 -12.64
CA ARG A 186 -34.74 -1.80 -12.20
C ARG A 186 -35.06 -1.89 -10.70
N GLY A 187 -34.50 -0.99 -9.92
CA GLY A 187 -34.72 -0.92 -8.48
C GLY A 187 -33.92 -1.97 -7.71
N PRO A 188 -34.05 -1.97 -6.37
CA PRO A 188 -33.15 -2.73 -5.51
C PRO A 188 -33.27 -4.26 -5.52
N ASN A 189 -34.39 -4.81 -5.98
CA ASN A 189 -34.61 -6.29 -6.02
C ASN A 189 -34.49 -6.84 -7.43
N ALA A 190 -34.18 -6.03 -8.44
CA ALA A 190 -34.03 -6.53 -9.82
C ALA A 190 -32.70 -6.06 -10.42
N GLY A 191 -31.64 -6.03 -9.60
CA GLY A 191 -30.26 -5.76 -10.04
C GLY A 191 -29.92 -4.28 -10.17
N GLY A 192 -30.74 -3.39 -9.58
CA GLY A 192 -30.57 -1.94 -9.68
C GLY A 192 -30.29 -1.33 -8.32
N VAL A 193 -30.74 -0.11 -8.05
CA VAL A 193 -30.51 0.55 -6.76
C VAL A 193 -31.82 1.10 -6.18
N ALA A 194 -31.86 1.29 -4.89
CA ALA A 194 -32.98 1.97 -4.21
C ALA A 194 -32.96 3.47 -4.56
N ALA A 195 -31.78 4.05 -4.75
CA ALA A 195 -31.60 5.50 -4.91
C ALA A 195 -30.21 5.75 -5.49
N ILE A 196 -30.09 6.90 -6.07
CA ILE A 196 -28.76 7.50 -6.40
C ILE A 196 -28.47 8.59 -5.42
N VAL A 197 -27.24 8.62 -4.95
CA VAL A 197 -26.77 9.76 -4.15
C VAL A 197 -25.77 10.50 -5.04
N ASP A 198 -26.01 11.78 -5.31
CA ASP A 198 -25.12 12.56 -6.17
C ASP A 198 -25.29 14.03 -5.84
N GLU A 199 -24.42 14.87 -6.38
CA GLU A 199 -24.49 16.32 -6.11
C GLU A 199 -25.65 16.91 -6.91
N LEU A 200 -26.26 17.92 -6.32
CA LEU A 200 -27.49 18.52 -6.92
C LEU A 200 -27.22 19.02 -8.34
N PRO A 201 -26.07 19.66 -8.71
CA PRO A 201 -25.91 20.11 -10.09
C PRO A 201 -26.12 18.99 -11.12
N TYR A 202 -25.62 17.80 -10.85
CA TYR A 202 -25.78 16.68 -11.79
C TYR A 202 -27.25 16.25 -11.81
N ILE A 203 -27.85 16.12 -10.62
CA ILE A 203 -29.24 15.63 -10.53
C ILE A 203 -30.17 16.59 -11.26
N GLU A 204 -29.88 17.90 -11.24
CA GLU A 204 -30.76 18.88 -11.97
C GLU A 204 -30.77 18.46 -13.44
N VAL A 205 -29.63 18.07 -14.01
CA VAL A 205 -29.57 17.59 -15.40
C VAL A 205 -30.29 16.26 -15.56
N LEU A 206 -30.05 15.31 -14.65
CA LEU A 206 -30.67 13.96 -14.73
C LEU A 206 -32.21 14.14 -14.73
N LEU A 207 -32.73 15.01 -13.87
CA LEU A 207 -34.23 15.14 -13.75
C LEU A 207 -34.75 15.86 -14.99
N THR A 208 -33.93 16.71 -15.61
CA THR A 208 -34.30 17.39 -16.87
C THR A 208 -34.51 16.31 -17.94
N ASN A 209 -33.80 15.19 -17.84
CA ASN A 209 -33.71 14.18 -18.91
C ASN A 209 -34.48 12.89 -18.59
N SER A 210 -35.34 12.77 -17.56
CA SER A 210 -35.87 11.46 -17.11
C SER A 210 -37.41 11.42 -16.96
N ASN A 211 -38.12 12.39 -17.49
CA ASN A 211 -39.59 12.24 -17.76
C ASN A 211 -40.39 12.08 -16.46
N CYS A 212 -40.02 12.81 -15.39
CA CYS A 212 -40.77 12.97 -14.11
C CYS A 212 -40.97 11.64 -13.38
N LYS A 213 -40.21 10.58 -13.66
CA LYS A 213 -40.34 9.25 -13.01
C LYS A 213 -39.53 9.21 -11.69
N PHE A 214 -38.55 10.10 -11.57
CA PHE A 214 -37.62 10.20 -10.42
C PHE A 214 -37.74 11.59 -9.80
N ARG A 215 -37.35 11.75 -8.56
CA ARG A 215 -37.39 13.01 -7.82
C ARG A 215 -36.30 12.98 -6.75
N THR A 216 -35.94 14.15 -6.23
CA THR A 216 -35.19 14.24 -4.99
C THR A 216 -36.17 13.92 -3.88
N VAL A 217 -35.66 13.27 -2.85
CA VAL A 217 -36.40 12.98 -1.60
C VAL A 217 -35.58 13.51 -0.44
N GLY A 218 -36.20 14.33 0.42
CA GLY A 218 -35.57 14.81 1.65
C GLY A 218 -34.69 16.02 1.38
N GLN A 219 -33.97 16.45 2.41
CA GLN A 219 -33.14 17.66 2.39
C GLN A 219 -31.87 17.33 1.60
N GLU A 220 -31.38 18.31 0.84
CA GLU A 220 -29.96 18.37 0.47
C GLU A 220 -29.17 18.19 1.76
N PHE A 221 -28.46 17.08 1.90
CA PHE A 221 -28.02 16.64 3.22
C PHE A 221 -26.55 16.94 3.41
N THR A 222 -25.89 17.55 2.44
CA THR A 222 -24.55 18.17 2.67
C THR A 222 -24.54 19.54 1.99
N ARG A 223 -23.53 20.36 2.32
CA ARG A 223 -23.35 21.64 1.61
C ARG A 223 -21.86 21.93 1.39
N THR A 224 -21.46 22.12 0.14
CA THR A 224 -20.15 22.72 -0.18
C THR A 224 -20.32 23.34 -1.55
N GLY A 225 -19.29 23.25 -2.36
CA GLY A 225 -19.23 23.94 -3.65
C GLY A 225 -18.15 23.34 -4.49
N TRP A 226 -18.06 23.86 -5.70
CA TRP A 226 -16.96 23.57 -6.63
C TRP A 226 -16.00 24.74 -6.66
N GLY A 227 -14.71 24.41 -6.74
CA GLY A 227 -13.66 25.41 -6.83
C GLY A 227 -12.57 24.97 -7.75
N PHE A 228 -11.67 25.89 -8.08
CA PHE A 228 -10.44 25.53 -8.80
C PHE A 228 -9.33 25.22 -7.80
N ALA A 229 -8.63 24.11 -8.00
CA ALA A 229 -7.66 23.56 -7.02
C ALA A 229 -6.27 23.89 -7.46
N PHE A 230 -5.69 24.92 -6.86
CA PHE A 230 -4.31 25.35 -7.09
C PHE A 230 -3.38 24.66 -6.09
N GLN A 231 -2.08 24.69 -6.37
CA GLN A 231 -1.08 24.22 -5.38
C GLN A 231 -1.08 25.09 -4.14
N ARG A 232 -0.68 24.49 -3.02
CA ARG A 232 -0.56 25.20 -1.72
C ARG A 232 0.26 26.50 -1.91
N ASP A 233 -0.20 27.57 -1.28
CA ASP A 233 0.43 28.94 -1.25
C ASP A 233 0.43 29.64 -2.62
N SER A 234 -0.38 29.19 -3.57
CA SER A 234 -0.44 29.81 -4.91
C SER A 234 -1.04 31.22 -4.80
N PRO A 235 -0.37 32.24 -5.37
CA PRO A 235 -0.96 33.59 -5.45
C PRO A 235 -2.12 33.58 -6.47
N LEU A 236 -2.14 32.61 -7.38
CA LEU A 236 -3.24 32.56 -8.38
C LEU A 236 -4.53 32.24 -7.65
N ALA A 237 -4.49 31.36 -6.66
CA ALA A 237 -5.70 30.99 -5.89
C ALA A 237 -6.32 32.26 -5.28
N VAL A 238 -5.48 33.12 -4.69
CA VAL A 238 -5.95 34.40 -4.10
C VAL A 238 -6.61 35.22 -5.21
N ASP A 239 -5.88 35.42 -6.31
CA ASP A 239 -6.35 36.42 -7.29
C ASP A 239 -7.54 35.86 -8.05
N MET A 240 -7.61 34.54 -8.27
CA MET A 240 -8.79 33.94 -8.94
C MET A 240 -10.02 33.90 -8.01
N SER A 241 -9.87 33.88 -6.69
CA SER A 241 -11.03 34.07 -5.76
C SER A 241 -11.62 35.47 -5.95
N THR A 242 -10.75 36.47 -6.00
CA THR A 242 -11.23 37.86 -6.25
C THR A 242 -11.95 37.89 -7.59
N ALA A 243 -11.40 37.26 -8.60
CA ALA A 243 -12.01 37.28 -9.94
C ALA A 243 -13.37 36.56 -9.94
N ILE A 244 -13.46 35.45 -9.23
CA ILE A 244 -14.76 34.72 -9.16
C ILE A 244 -15.82 35.62 -8.51
N LEU A 245 -15.46 36.34 -7.43
CA LEU A 245 -16.42 37.26 -6.77
C LEU A 245 -16.79 38.38 -7.75
N GLN A 246 -15.85 38.85 -8.55
CA GLN A 246 -16.16 39.88 -9.57
C GLN A 246 -17.16 39.31 -10.55
N LEU A 247 -16.97 38.05 -11.01
CA LEU A 247 -17.90 37.50 -12.01
C LEU A 247 -19.28 37.38 -11.37
N SER A 248 -19.34 37.06 -10.10
CA SER A 248 -20.59 36.84 -9.37
C SER A 248 -21.35 38.17 -9.29
N GLU A 249 -20.65 39.26 -8.91
CA GLU A 249 -21.27 40.63 -8.83
C GLU A 249 -21.79 41.08 -10.20
N GLU A 250 -21.04 40.86 -11.26
CA GLU A 250 -21.31 41.35 -12.63
C GLU A 250 -22.49 40.61 -13.25
N GLY A 251 -22.94 39.53 -12.61
CA GLY A 251 -23.94 38.60 -13.15
C GLY A 251 -23.37 37.64 -14.18
N GLU A 252 -22.04 37.52 -14.33
CA GLU A 252 -21.44 36.68 -15.39
C GLU A 252 -21.56 35.20 -15.03
N LEU A 253 -21.48 34.84 -13.75
CA LEU A 253 -21.58 33.42 -13.34
C LEU A 253 -22.97 32.94 -13.75
N GLU A 254 -24.00 33.77 -13.55
CA GLU A 254 -25.39 33.45 -13.94
C GLU A 254 -25.49 33.34 -15.48
N LYS A 255 -24.92 34.29 -16.22
CA LYS A 255 -24.93 34.29 -17.70
C LYS A 255 -24.26 33.02 -18.18
N ILE A 256 -23.10 32.65 -17.59
CA ILE A 256 -22.40 31.45 -18.09
C ILE A 256 -23.24 30.21 -17.75
N HIS A 257 -23.87 30.18 -16.58
CA HIS A 257 -24.74 29.06 -16.19
C HIS A 257 -25.85 28.91 -17.22
N ARG A 258 -26.45 30.02 -17.61
CA ARG A 258 -27.60 29.99 -18.56
C ARG A 258 -27.15 29.50 -19.93
N LYS A 259 -25.94 29.85 -20.35
CA LYS A 259 -25.38 29.40 -21.64
C LYS A 259 -25.33 27.87 -21.71
N TRP A 260 -24.93 27.21 -20.62
CA TRP A 260 -24.59 25.77 -20.68
C TRP A 260 -25.69 24.86 -20.13
N LEU A 261 -26.52 25.33 -19.21
CA LEU A 261 -27.39 24.48 -18.37
C LEU A 261 -28.82 24.98 -18.54
N ASN A 262 -29.74 24.09 -18.84
CA ASN A 262 -31.18 24.44 -18.81
C ASN A 262 -31.91 23.25 -18.22
N TYR A 263 -32.68 23.51 -17.16
CA TYR A 263 -33.33 22.42 -16.37
C TYR A 263 -34.82 22.34 -16.69
N LYS A 264 -35.30 23.12 -17.65
CA LYS A 264 -36.72 23.06 -18.12
C LYS A 264 -36.90 21.77 -18.94
N HIS A 265 -38.04 21.08 -18.77
CA HIS A 265 -38.38 19.92 -19.63
C HIS A 265 -39.90 19.80 -19.78
N GLU A 266 -40.29 18.90 -20.69
CA GLU A 266 -41.66 18.76 -21.27
C GLU A 266 -42.65 18.31 -20.19
N CYS A 267 -42.43 17.16 -19.52
CA CYS A 267 -43.40 16.56 -18.55
C CYS A 267 -43.72 17.52 -17.38
N SER A 268 -42.94 18.61 -17.20
CA SER A 268 -43.21 19.70 -16.22
C SER A 268 -42.37 20.94 -16.55
N SER B 22 24.16 20.71 1.00
CA SER B 22 22.73 20.67 0.57
C SER B 22 21.85 21.27 1.66
N LYS B 23 20.79 21.98 1.26
CA LYS B 23 19.71 22.47 2.15
C LYS B 23 19.20 21.25 2.92
N PRO B 24 18.93 21.35 4.24
CA PRO B 24 18.62 20.15 5.02
C PRO B 24 17.35 19.47 4.48
N LEU B 25 17.40 18.15 4.31
CA LEU B 25 16.18 17.32 4.13
C LEU B 25 15.21 17.64 5.26
N ARG B 26 13.93 17.84 4.90
CA ARG B 26 12.80 18.04 5.84
C ARG B 26 12.21 16.65 6.07
N ILE B 27 12.43 16.11 7.26
CA ILE B 27 12.07 14.70 7.54
C ILE B 27 10.86 14.73 8.45
N GLY B 28 9.72 14.23 7.97
CA GLY B 28 8.48 14.15 8.74
C GLY B 28 8.47 12.93 9.62
N VAL B 29 8.18 13.11 10.90
CA VAL B 29 8.17 12.01 11.87
C VAL B 29 6.84 12.06 12.59
N PRO B 30 6.12 10.93 12.65
CA PRO B 30 4.84 10.89 13.35
C PRO B 30 5.01 11.13 14.85
N ASN B 31 4.23 12.06 15.38
CA ASN B 31 4.30 12.45 16.81
C ASN B 31 3.42 11.46 17.59
N ARG B 32 3.90 10.24 17.74
CA ARG B 32 3.09 9.15 18.33
C ARG B 32 2.76 9.47 19.78
N VAL B 33 1.58 9.03 20.21
CA VAL B 33 1.13 9.14 21.62
C VAL B 33 1.20 7.75 22.27
N SER B 34 1.15 6.68 21.47
CA SER B 34 1.22 5.29 21.98
C SER B 34 2.40 4.57 21.32
N TYR B 35 2.92 3.53 21.96
CA TYR B 35 4.02 2.71 21.39
C TYR B 35 5.19 3.61 20.99
N THR B 36 5.58 4.51 21.90
CA THR B 36 6.54 5.60 21.61
C THR B 36 7.97 5.08 21.49
N ASP B 37 8.27 3.86 21.92
CA ASP B 37 9.64 3.34 21.65
C ASP B 37 9.82 3.02 20.17
N TYR B 38 8.78 2.96 19.33
CA TYR B 38 9.03 2.81 17.87
C TYR B 38 9.49 4.14 17.31
N VAL B 39 8.82 5.22 17.68
CA VAL B 39 9.18 6.57 17.18
C VAL B 39 8.35 7.57 17.96
N SER B 40 8.97 8.65 18.40
CA SER B 40 8.32 9.70 19.19
C SER B 40 9.21 10.95 19.31
N LYS B 41 8.60 11.97 19.88
CA LYS B 41 9.27 13.24 20.24
C LYS B 41 10.31 12.96 21.34
N ASP B 42 11.31 13.83 21.40
CA ASP B 42 12.44 13.80 22.36
C ASP B 42 12.72 15.28 22.72
N LYS B 43 12.92 15.60 24.00
CA LYS B 43 13.22 17.00 24.41
C LYS B 43 14.64 17.37 23.98
N ASN B 44 15.50 16.38 23.72
CA ASN B 44 16.92 16.57 23.37
C ASN B 44 17.09 16.48 21.85
N PRO B 45 18.14 17.13 21.29
CA PRO B 45 18.45 16.95 19.88
C PRO B 45 18.63 15.45 19.63
N PRO B 46 18.21 14.94 18.45
CA PRO B 46 17.70 15.77 17.37
C PRO B 46 16.19 16.03 17.38
N GLY B 47 15.52 15.84 18.52
CA GLY B 47 14.10 16.19 18.70
C GLY B 47 13.16 15.02 18.48
N VAL B 48 13.72 13.87 18.10
CA VAL B 48 12.96 12.60 17.90
C VAL B 48 13.82 11.45 18.43
N ARG B 49 13.17 10.34 18.76
CA ARG B 49 13.89 9.16 19.25
C ARG B 49 13.08 7.93 18.89
N GLY B 50 13.67 6.77 19.07
CA GLY B 50 12.96 5.50 18.95
C GLY B 50 13.70 4.56 18.05
N TYR B 51 13.18 3.32 17.97
CA TYR B 51 13.76 2.27 17.11
C TYR B 51 13.93 2.80 15.67
N CYS B 52 12.86 3.39 15.12
CA CYS B 52 12.85 3.73 13.67
C CYS B 52 13.86 4.86 13.42
N ILE B 53 14.09 5.74 14.40
CA ILE B 53 15.06 6.85 14.27
C ILE B 53 16.45 6.24 14.31
N ASP B 54 16.68 5.30 15.23
CA ASP B 54 18.00 4.63 15.33
C ASP B 54 18.30 3.89 14.03
N VAL B 55 17.31 3.22 13.42
CA VAL B 55 17.57 2.53 12.13
C VAL B 55 17.92 3.59 11.07
N PHE B 56 17.10 4.64 10.95
CA PHE B 56 17.30 5.69 9.93
C PHE B 56 18.71 6.27 10.09
N GLU B 57 19.11 6.61 11.31
CA GLU B 57 20.43 7.28 11.56
C GLU B 57 21.55 6.29 11.26
N ALA B 58 21.37 5.01 11.61
CA ALA B 58 22.43 4.01 11.35
C ALA B 58 22.56 3.84 9.86
N ALA B 59 21.45 3.87 9.10
CA ALA B 59 21.51 3.73 7.62
C ALA B 59 22.19 4.98 7.06
N ILE B 60 21.82 6.18 7.51
CA ILE B 60 22.49 7.45 7.09
C ILE B 60 24.01 7.30 7.32
N GLU B 61 24.44 6.77 8.47
CA GLU B 61 25.89 6.65 8.84
C GLU B 61 26.63 5.80 7.80
N LEU B 62 25.99 4.80 7.17
CA LEU B 62 26.68 3.89 6.23
C LEU B 62 26.90 4.62 4.92
N LEU B 63 26.22 5.74 4.71
CA LEU B 63 26.34 6.43 3.40
C LEU B 63 27.68 7.15 3.36
N PRO B 64 28.35 7.15 2.18
CA PRO B 64 29.66 7.78 2.01
C PRO B 64 29.60 9.29 1.77
N TYR B 65 28.46 9.92 2.06
CA TYR B 65 28.24 11.38 1.88
C TYR B 65 27.40 11.87 3.03
N PRO B 66 27.48 13.16 3.39
CA PRO B 66 26.69 13.70 4.49
C PRO B 66 25.26 13.92 4.01
N VAL B 67 24.27 13.86 4.91
CA VAL B 67 22.85 14.12 4.55
C VAL B 67 22.32 15.13 5.56
N PRO B 68 22.58 16.43 5.33
CA PRO B 68 22.04 17.47 6.17
C PRO B 68 20.52 17.25 6.30
N ARG B 69 20.02 17.26 7.53
CA ARG B 69 18.62 16.88 7.82
C ARG B 69 18.06 17.56 9.06
N THR B 70 16.76 17.79 9.04
CA THR B 70 15.96 18.33 10.15
C THR B 70 14.76 17.43 10.32
N TYR B 71 14.51 17.02 11.55
CA TYR B 71 13.29 16.27 11.91
C TYR B 71 12.16 17.22 12.32
N ILE B 72 10.99 17.03 11.70
CA ILE B 72 9.75 17.79 11.96
C ILE B 72 8.66 16.82 12.43
N LEU B 73 8.15 17.06 13.62
CA LEU B 73 7.05 16.27 14.19
C LEU B 73 5.74 16.59 13.45
N TYR B 74 5.01 15.54 13.14
CA TYR B 74 3.71 15.58 12.42
C TYR B 74 2.65 14.99 13.35
N GLY B 75 1.68 15.83 13.70
CA GLY B 75 0.59 15.43 14.59
C GLY B 75 0.50 16.30 15.84
N ASP B 76 -0.69 16.37 16.43
CA ASP B 76 -1.01 17.29 17.54
C ASP B 76 -0.47 16.79 18.90
N GLY B 77 0.06 15.58 19.02
CA GLY B 77 0.50 15.02 20.30
C GLY B 77 -0.63 14.57 21.22
N LYS B 78 -1.89 14.57 20.77
CA LYS B 78 -3.05 14.06 21.55
C LYS B 78 -3.51 12.70 21.03
N ARG B 79 -3.51 12.51 19.71
CA ARG B 79 -3.79 11.21 19.07
C ARG B 79 -2.68 10.97 18.05
N ASN B 80 -2.33 9.71 17.81
CA ASN B 80 -1.50 9.37 16.64
C ASN B 80 -2.04 10.05 15.39
N PRO B 81 -1.17 10.67 14.56
CA PRO B 81 -1.61 11.27 13.31
C PRO B 81 -2.00 10.24 12.24
N SER B 82 -2.74 10.69 11.23
CA SER B 82 -3.02 9.93 10.00
C SER B 82 -1.69 9.64 9.30
N TYR B 83 -1.32 8.39 9.20
CA TYR B 83 -0.11 7.99 8.45
C TYR B 83 -0.30 8.16 6.94
N ASP B 84 -1.50 7.91 6.42
CA ASP B 84 -1.78 8.23 4.99
C ASP B 84 -1.49 9.72 4.73
N ASN B 85 -1.93 10.58 5.64
CA ASN B 85 -1.71 12.04 5.47
C ASN B 85 -0.23 12.39 5.62
N LEU B 86 0.50 11.73 6.52
CA LEU B 86 1.96 11.96 6.64
C LEU B 86 2.61 11.63 5.31
N VAL B 87 2.26 10.54 4.69
CA VAL B 87 2.89 10.14 3.42
C VAL B 87 2.47 11.13 2.32
N ASN B 88 1.25 11.65 2.38
CA ASN B 88 0.80 12.62 1.36
C ASN B 88 1.55 13.94 1.52
N GLU B 89 2.13 14.24 2.67
CA GLU B 89 3.01 15.43 2.89
C GLU B 89 4.32 15.25 2.12
N VAL B 90 4.82 14.03 1.93
CA VAL B 90 5.99 13.72 1.06
C VAL B 90 5.59 13.99 -0.40
N VAL B 91 4.46 13.47 -0.82
CA VAL B 91 3.95 13.67 -2.21
C VAL B 91 3.84 15.18 -2.45
N ALA B 92 3.42 15.95 -1.45
CA ALA B 92 3.13 17.39 -1.55
C ALA B 92 4.46 18.18 -1.55
N ASP B 93 5.58 17.49 -1.36
CA ASP B 93 6.91 18.15 -1.23
C ASP B 93 6.92 19.08 0.00
N ASN B 94 6.17 18.79 1.06
CA ASN B 94 6.31 19.52 2.34
C ASN B 94 7.37 18.83 3.22
N PHE B 95 7.49 17.51 3.11
CA PHE B 95 8.67 16.75 3.62
C PHE B 95 9.37 16.12 2.43
N ASP B 96 10.69 15.93 2.53
CA ASP B 96 11.47 15.20 1.52
C ASP B 96 11.35 13.70 1.77
N VAL B 97 11.21 13.35 3.06
CA VAL B 97 11.14 11.96 3.56
C VAL B 97 10.16 11.89 4.73
N ALA B 98 9.48 10.76 4.88
CA ALA B 98 8.74 10.41 6.11
C ALA B 98 9.41 9.20 6.77
N VAL B 99 9.76 9.38 8.04
CA VAL B 99 10.59 8.41 8.82
C VAL B 99 9.82 8.04 10.07
N GLY B 100 9.61 6.75 10.24
CA GLY B 100 8.91 6.20 11.41
C GLY B 100 8.41 4.81 11.07
N ASP B 101 7.37 4.43 11.80
CA ASP B 101 6.73 3.11 11.72
C ASP B 101 5.70 3.19 10.60
N ILE B 102 6.17 3.41 9.36
CA ILE B 102 5.26 3.67 8.23
C ILE B 102 5.04 2.35 7.46
N THR B 103 3.81 1.84 7.51
CA THR B 103 3.46 0.59 6.83
C THR B 103 3.45 0.80 5.32
N ILE B 104 4.07 -0.14 4.64
CA ILE B 104 4.10 -0.14 3.16
C ILE B 104 2.77 -0.76 2.69
N VAL B 105 1.86 0.09 2.24
CA VAL B 105 0.57 -0.40 1.69
C VAL B 105 0.29 0.23 0.31
N THR B 106 -0.60 -0.43 -0.45
CA THR B 106 -0.79 -0.12 -1.89
C THR B 106 -1.05 1.35 -2.15
N ASN B 107 -2.01 1.99 -1.44
CA ASN B 107 -2.43 3.40 -1.60
C ASN B 107 -1.22 4.32 -1.38
N ARG B 108 -0.17 3.86 -0.69
CA ARG B 108 1.00 4.72 -0.42
C ARG B 108 2.02 4.41 -1.54
N THR B 109 2.19 3.16 -1.97
CA THR B 109 3.28 2.77 -2.95
C THR B 109 2.95 3.32 -4.35
N ARG B 110 1.71 3.73 -4.59
CA ARG B 110 1.33 4.41 -5.86
C ARG B 110 1.95 5.83 -5.96
N TYR B 111 2.30 6.51 -4.87
CA TYR B 111 2.77 7.93 -4.97
C TYR B 111 4.18 8.20 -4.40
N VAL B 112 4.73 7.32 -3.58
CA VAL B 112 6.08 7.57 -2.98
C VAL B 112 7.01 6.40 -3.31
N ASP B 113 8.32 6.61 -3.03
CA ASP B 113 9.35 5.55 -3.16
C ASP B 113 9.71 5.11 -1.74
N PHE B 114 9.17 3.96 -1.35
CA PHE B 114 9.58 3.34 -0.07
C PHE B 114 10.92 2.66 -0.24
N THR B 115 11.68 2.63 0.85
CA THR B 115 12.80 1.67 1.00
C THR B 115 12.30 0.22 1.10
N GLN B 116 13.18 -0.73 0.89
CA GLN B 116 12.99 -2.11 1.37
C GLN B 116 12.56 -1.97 2.83
N PRO B 117 11.76 -2.89 3.33
CA PRO B 117 11.35 -2.84 4.73
C PRO B 117 12.53 -2.99 5.69
N PHE B 118 12.44 -2.32 6.83
CA PHE B 118 13.46 -2.52 7.89
C PHE B 118 12.90 -3.42 9.00
N ILE B 119 11.59 -3.66 9.02
CA ILE B 119 10.92 -4.59 9.98
C ILE B 119 9.67 -5.15 9.30
N GLU B 120 9.38 -6.40 9.54
CA GLU B 120 8.19 -7.08 9.04
C GLU B 120 7.02 -6.71 9.94
N SER B 121 5.86 -6.66 9.32
CA SER B 121 4.58 -6.38 10.01
C SER B 121 3.46 -7.16 9.35
N GLY B 122 2.28 -6.95 9.89
CA GLY B 122 1.05 -7.63 9.42
C GLY B 122 0.04 -7.45 10.50
N LEU B 123 -1.23 -7.62 10.16
CA LEU B 123 -2.32 -7.45 11.15
C LEU B 123 -2.59 -8.75 11.91
N VAL B 124 -2.95 -8.59 13.16
CA VAL B 124 -3.41 -9.68 14.06
C VAL B 124 -4.64 -9.24 14.82
N VAL B 125 -5.37 -10.22 15.33
CA VAL B 125 -6.56 -10.05 16.21
C VAL B 125 -6.16 -10.32 17.65
N VAL B 126 -6.45 -9.42 18.58
CA VAL B 126 -6.18 -9.61 20.02
C VAL B 126 -7.55 -9.67 20.70
N ALA B 127 -7.79 -10.69 21.49
CA ALA B 127 -9.06 -10.83 22.22
C ALA B 127 -8.80 -11.47 23.57
N PRO B 128 -9.72 -11.31 24.53
CA PRO B 128 -9.59 -12.06 25.78
C PRO B 128 -9.86 -13.54 25.49
N VAL B 129 -9.18 -14.41 26.25
CA VAL B 129 -9.37 -15.89 26.18
C VAL B 129 -10.69 -16.25 26.88
N LYS B 130 -11.27 -15.29 27.61
CA LYS B 130 -12.65 -15.31 28.14
C LYS B 130 -13.68 -15.32 26.99
N GLU B 131 -13.30 -14.82 25.81
CA GLU B 131 -14.14 -14.76 24.58
C GLU B 131 -13.79 -15.91 23.62
N ALA B 132 -12.92 -16.83 24.02
CA ALA B 132 -12.49 -18.03 23.24
C ALA B 132 -13.69 -18.77 22.62
N GLY B 133 -14.89 -18.68 23.23
CA GLY B 133 -16.13 -19.30 22.71
C GLY B 133 -16.61 -18.65 21.43
N THR B 134 -16.34 -17.34 21.25
CA THR B 134 -16.87 -16.48 20.15
C THR B 134 -15.74 -15.94 19.27
N ILE B 135 -14.73 -15.25 19.84
CA ILE B 135 -13.75 -14.46 19.03
C ILE B 135 -12.41 -15.20 18.93
N GLU B 136 -12.17 -15.87 17.80
CA GLU B 136 -11.06 -16.82 17.66
C GLU B 136 -10.09 -16.44 16.53
N GLY B 137 -10.32 -15.26 15.94
CA GLY B 137 -9.54 -14.81 14.78
C GLY B 137 -10.33 -13.85 13.94
N ILE B 138 -9.77 -13.49 12.82
CA ILE B 138 -10.36 -12.44 11.95
C ILE B 138 -11.69 -12.92 11.36
N ASP B 139 -11.82 -14.17 10.96
CA ASP B 139 -13.04 -14.61 10.26
C ASP B 139 -14.23 -14.61 11.24
N SER B 140 -14.04 -15.14 12.44
CA SER B 140 -15.08 -15.11 13.51
C SER B 140 -15.31 -13.66 13.99
N LEU B 141 -14.28 -12.82 14.04
CA LEU B 141 -14.49 -11.41 14.44
C LEU B 141 -15.42 -10.78 13.41
N VAL B 142 -15.15 -10.94 12.13
CA VAL B 142 -15.96 -10.32 11.05
C VAL B 142 -17.43 -10.76 11.24
N THR B 143 -17.68 -12.05 11.36
CA THR B 143 -19.06 -12.58 11.37
C THR B 143 -19.76 -12.25 12.71
N SER B 144 -19.05 -11.88 13.78
CA SER B 144 -19.63 -11.61 15.11
C SER B 144 -20.49 -10.36 15.09
N ASN B 145 -20.25 -9.41 14.18
CA ASN B 145 -20.93 -8.08 14.12
C ASN B 145 -20.61 -7.21 15.35
N GLU B 146 -19.61 -7.56 16.14
CA GLU B 146 -19.28 -6.79 17.37
C GLU B 146 -18.26 -5.70 17.07
N PRO B 147 -18.09 -4.72 17.97
CA PRO B 147 -17.13 -3.65 17.75
C PRO B 147 -15.67 -4.13 17.74
N ILE B 148 -14.89 -3.47 16.90
CA ILE B 148 -13.44 -3.76 16.68
C ILE B 148 -12.66 -2.50 17.01
N GLY B 149 -11.73 -2.62 17.94
CA GLY B 149 -10.80 -1.56 18.29
C GLY B 149 -9.65 -1.48 17.31
N VAL B 150 -9.26 -0.25 16.97
CA VAL B 150 -8.05 0.03 16.16
C VAL B 150 -7.32 1.24 16.78
N GLN B 151 -6.12 1.47 16.37
CA GLN B 151 -5.38 2.72 16.71
C GLN B 151 -6.01 3.91 15.94
N ASP B 152 -5.76 5.10 16.44
CA ASP B 152 -5.88 6.33 15.64
C ASP B 152 -4.80 6.32 14.55
N GLY B 153 -5.19 6.72 13.31
CA GLY B 153 -4.24 7.10 12.23
C GLY B 153 -3.74 5.95 11.35
N THR B 154 -4.09 4.73 11.69
CA THR B 154 -3.55 3.53 11.03
C THR B 154 -4.29 3.26 9.72
N PHE B 155 -3.60 2.61 8.80
CA PHE B 155 -4.19 2.10 7.56
C PHE B 155 -5.22 1.02 7.89
N ALA B 156 -5.17 0.45 9.09
CA ALA B 156 -5.97 -0.78 9.38
C ALA B 156 -7.48 -0.45 9.33
N ARG B 157 -7.86 0.79 9.61
CA ARG B 157 -9.30 1.14 9.56
C ARG B 157 -9.82 0.97 8.14
N ASN B 158 -9.16 1.59 7.17
CA ASN B 158 -9.59 1.48 5.75
C ASN B 158 -9.44 0.05 5.26
N TYR B 159 -8.43 -0.69 5.71
CA TYR B 159 -8.26 -2.10 5.35
C TYR B 159 -9.52 -2.87 5.74
N LEU B 160 -9.92 -2.70 6.98
CA LEU B 160 -11.04 -3.49 7.54
C LEU B 160 -12.32 -3.13 6.79
N ILE B 161 -12.59 -1.84 6.62
CA ILE B 161 -13.85 -1.41 5.97
C ILE B 161 -13.84 -1.85 4.50
N ASN B 162 -12.79 -1.60 3.73
CA ASN B 162 -12.81 -1.77 2.25
C ASN B 162 -12.42 -3.18 1.84
N GLU B 163 -11.45 -3.83 2.49
CA GLU B 163 -11.00 -5.17 2.07
C GLU B 163 -11.94 -6.23 2.62
N LEU B 164 -12.37 -6.08 3.87
CA LEU B 164 -13.16 -7.11 4.58
C LEU B 164 -14.64 -6.71 4.65
N ASN B 165 -15.02 -5.55 4.13
CA ASN B 165 -16.45 -5.11 4.02
C ASN B 165 -17.05 -5.06 5.42
N ILE B 166 -16.33 -4.46 6.37
CA ILE B 166 -16.85 -4.28 7.76
C ILE B 166 -17.65 -2.98 7.85
N LEU B 167 -18.80 -3.02 8.52
CA LEU B 167 -19.65 -1.81 8.70
C LEU B 167 -18.82 -0.77 9.41
N PRO B 168 -18.69 0.45 8.89
CA PRO B 168 -17.76 1.41 9.48
C PRO B 168 -18.01 1.69 10.96
N SER B 169 -19.26 1.65 11.44
CA SER B 169 -19.57 2.01 12.84
C SER B 169 -19.00 0.96 13.81
N ARG B 170 -18.67 -0.23 13.31
CA ARG B 170 -18.03 -1.26 14.16
C ARG B 170 -16.59 -0.88 14.52
N ILE B 171 -15.95 0.02 13.79
CA ILE B 171 -14.54 0.35 13.99
C ILE B 171 -14.50 1.40 15.08
N VAL B 172 -13.81 1.11 16.16
CA VAL B 172 -13.69 2.03 17.32
C VAL B 172 -12.26 2.48 17.48
N PRO B 173 -11.92 3.74 17.14
CA PRO B 173 -10.57 4.23 17.37
C PRO B 173 -10.29 4.38 18.86
N LEU B 174 -9.11 3.93 19.25
CA LEU B 174 -8.66 3.95 20.67
C LEU B 174 -7.36 4.74 20.74
N LYS B 175 -7.19 5.55 21.79
CA LYS B 175 -6.20 6.65 21.80
C LYS B 175 -4.80 6.16 22.21
N ASP B 176 -4.74 5.26 23.17
CA ASP B 176 -3.47 4.95 23.86
C ASP B 176 -3.65 3.63 24.60
N GLU B 177 -2.59 3.19 25.27
CA GLU B 177 -2.54 1.90 26.02
C GLU B 177 -3.68 1.83 27.04
N GLU B 178 -4.01 2.91 27.72
CA GLU B 178 -5.11 2.88 28.71
C GLU B 178 -6.41 2.51 28.00
N GLN B 179 -6.67 3.09 26.80
CA GLN B 179 -7.92 2.79 26.05
C GLN B 179 -7.86 1.40 25.38
N TYR B 180 -6.70 0.94 24.92
CA TYR B 180 -6.58 -0.40 24.31
C TYR B 180 -7.01 -1.41 25.36
N LEU B 181 -6.45 -1.26 26.55
CA LEU B 181 -6.65 -2.25 27.64
C LEU B 181 -8.07 -2.06 28.20
N SER B 182 -8.52 -0.83 28.42
CA SER B 182 -9.88 -0.58 28.97
C SER B 182 -10.93 -1.12 28.00
N ALA B 183 -10.75 -0.92 26.71
CA ALA B 183 -11.76 -1.39 25.73
C ALA B 183 -11.85 -2.92 25.74
N LEU B 184 -10.70 -3.59 25.79
CA LEU B 184 -10.68 -5.06 25.73
C LEU B 184 -11.29 -5.58 27.05
N GLN B 185 -10.98 -4.92 28.17
CA GLN B 185 -11.47 -5.35 29.51
C GLN B 185 -12.98 -5.18 29.56
N ARG B 186 -13.50 -4.04 29.12
CA ARG B 186 -14.96 -3.78 29.19
C ARG B 186 -15.70 -4.75 28.29
N GLY B 187 -15.17 -5.00 27.08
CA GLY B 187 -15.77 -5.89 26.09
C GLY B 187 -16.99 -5.27 25.42
N PRO B 188 -17.60 -5.98 24.48
CA PRO B 188 -18.51 -5.33 23.54
C PRO B 188 -19.87 -4.90 24.12
N ASN B 189 -20.18 -5.23 25.38
CA ASN B 189 -21.51 -4.93 25.97
C ASN B 189 -21.38 -3.92 27.12
N ALA B 190 -20.16 -3.51 27.46
CA ALA B 190 -19.91 -2.45 28.47
C ALA B 190 -19.20 -1.28 27.81
N GLY B 191 -19.44 -1.04 26.52
CA GLY B 191 -18.89 0.13 25.79
C GLY B 191 -17.42 -0.04 25.39
N GLY B 192 -16.97 -1.28 25.32
CA GLY B 192 -15.62 -1.63 24.84
C GLY B 192 -15.71 -2.35 23.51
N VAL B 193 -14.79 -3.27 23.26
CA VAL B 193 -14.69 -3.92 21.93
C VAL B 193 -14.55 -5.43 22.13
N ALA B 194 -14.90 -6.25 21.13
CA ALA B 194 -14.75 -7.72 21.12
C ALA B 194 -13.29 -8.11 20.91
N ALA B 195 -12.55 -7.25 20.24
CA ALA B 195 -11.14 -7.52 19.90
C ALA B 195 -10.50 -6.22 19.40
N ILE B 196 -9.18 -6.18 19.43
CA ILE B 196 -8.39 -5.17 18.68
C ILE B 196 -7.80 -5.82 17.42
N VAL B 197 -7.81 -5.09 16.31
CA VAL B 197 -7.04 -5.45 15.09
C VAL B 197 -5.91 -4.44 15.01
N ASP B 198 -4.67 -4.89 15.00
CA ASP B 198 -3.52 -3.96 14.94
C ASP B 198 -2.30 -4.72 14.41
N GLU B 199 -1.25 -3.99 14.07
CA GLU B 199 -0.05 -4.63 13.53
C GLU B 199 0.70 -5.37 14.63
N LEU B 200 1.23 -6.52 14.28
CA LEU B 200 1.92 -7.35 15.30
C LEU B 200 3.02 -6.62 16.07
N PRO B 201 3.88 -5.75 15.50
CA PRO B 201 4.87 -5.09 16.35
C PRO B 201 4.27 -4.30 17.51
N TYR B 202 3.11 -3.66 17.31
CA TYR B 202 2.44 -2.95 18.41
C TYR B 202 1.88 -3.95 19.42
N ILE B 203 1.23 -4.98 18.93
CA ILE B 203 0.59 -5.98 19.85
C ILE B 203 1.66 -6.68 20.67
N GLU B 204 2.83 -6.95 20.11
CA GLU B 204 3.97 -7.55 20.88
C GLU B 204 4.18 -6.67 22.12
N VAL B 205 4.18 -5.36 21.96
CA VAL B 205 4.47 -4.40 23.06
C VAL B 205 3.28 -4.39 24.03
N LEU B 206 2.07 -4.38 23.48
CA LEU B 206 0.87 -4.11 24.31
C LEU B 206 0.83 -5.19 25.41
N LEU B 207 1.07 -6.43 25.00
CA LEU B 207 0.84 -7.64 25.84
C LEU B 207 2.09 -7.99 26.61
N THR B 208 3.22 -7.34 26.35
CA THR B 208 4.48 -7.48 27.13
C THR B 208 4.16 -7.15 28.58
N ASN B 209 4.67 -7.96 29.51
CA ASN B 209 4.48 -7.71 30.96
C ASN B 209 3.04 -8.03 31.41
N SER B 210 2.19 -8.59 30.55
CA SER B 210 0.82 -8.98 30.96
C SER B 210 0.77 -10.48 31.29
N ASN B 211 -0.36 -10.80 31.95
CA ASN B 211 -1.08 -12.08 32.21
C ASN B 211 -1.26 -12.99 31.01
N CYS B 212 -1.33 -12.41 29.80
CA CYS B 212 -1.96 -13.05 28.61
C CYS B 212 -3.45 -13.26 28.85
N LYS B 213 -4.07 -12.41 29.67
CA LYS B 213 -5.55 -12.33 29.72
C LYS B 213 -6.05 -12.04 28.30
N PHE B 214 -5.30 -11.21 27.56
CA PHE B 214 -5.54 -10.90 26.13
C PHE B 214 -4.42 -11.57 25.35
N ARG B 215 -4.73 -12.16 24.20
CA ARG B 215 -3.76 -12.91 23.35
C ARG B 215 -4.09 -12.65 21.89
N THR B 216 -3.13 -12.92 21.02
CA THR B 216 -3.42 -13.02 19.59
C THR B 216 -4.19 -14.31 19.37
N VAL B 217 -5.14 -14.27 18.46
CA VAL B 217 -6.02 -15.42 18.10
C VAL B 217 -6.06 -15.50 16.59
N GLY B 218 -5.95 -16.71 16.05
CA GLY B 218 -6.08 -16.98 14.60
C GLY B 218 -4.89 -16.45 13.80
N GLN B 219 -5.08 -16.34 12.47
CA GLN B 219 -4.02 -16.10 11.46
C GLN B 219 -3.56 -14.64 11.54
N GLU B 220 -2.28 -14.37 11.25
CA GLU B 220 -1.76 -13.04 10.80
C GLU B 220 -2.22 -12.78 9.35
N PHE B 221 -2.52 -11.54 8.97
CA PHE B 221 -3.01 -11.21 7.61
C PHE B 221 -2.40 -9.91 7.11
N THR B 222 -2.56 -9.67 5.80
CA THR B 222 -1.99 -8.52 5.06
C THR B 222 -0.52 -8.30 5.49
N ARG B 223 0.31 -9.32 5.38
CA ARG B 223 1.75 -9.15 5.77
C ARG B 223 2.41 -8.11 4.87
N THR B 224 3.24 -7.26 5.48
CA THR B 224 4.04 -6.23 4.78
C THR B 224 5.17 -5.85 5.74
N GLY B 225 5.61 -4.62 5.69
CA GLY B 225 6.62 -4.14 6.62
C GLY B 225 6.53 -2.64 6.73
N TRP B 226 7.48 -2.08 7.48
CA TRP B 226 7.67 -0.64 7.66
C TRP B 226 8.85 -0.21 6.81
N GLY B 227 8.70 0.90 6.12
CA GLY B 227 9.84 1.49 5.41
C GLY B 227 9.86 2.98 5.54
N PHE B 228 10.89 3.58 4.96
CA PHE B 228 11.02 5.04 4.92
C PHE B 228 10.48 5.52 3.56
N ALA B 229 9.68 6.58 3.58
CA ALA B 229 8.98 7.10 2.40
C ALA B 229 9.72 8.33 1.85
N PHE B 230 10.27 8.16 0.67
CA PHE B 230 10.97 9.22 -0.09
C PHE B 230 10.09 9.63 -1.26
N GLN B 231 10.39 10.77 -1.86
CA GLN B 231 9.65 11.22 -3.08
C GLN B 231 9.94 10.28 -4.25
N ARG B 232 8.98 10.13 -5.18
CA ARG B 232 9.13 9.32 -6.41
C ARG B 232 10.47 9.56 -7.12
N ASP B 233 11.16 8.49 -7.52
CA ASP B 233 12.46 8.52 -8.26
C ASP B 233 13.62 9.10 -7.42
N SER B 234 13.54 9.11 -6.08
CA SER B 234 14.63 9.63 -5.21
C SER B 234 15.82 8.66 -5.28
N PRO B 235 17.04 9.14 -5.63
CA PRO B 235 18.24 8.28 -5.56
C PRO B 235 18.65 7.98 -4.11
N LEU B 236 18.33 8.90 -3.19
CA LEU B 236 18.61 8.67 -1.76
C LEU B 236 17.84 7.42 -1.31
N ALA B 237 16.61 7.24 -1.78
CA ALA B 237 15.80 6.07 -1.41
C ALA B 237 16.56 4.80 -1.76
N VAL B 238 17.13 4.73 -2.96
CA VAL B 238 17.85 3.53 -3.41
C VAL B 238 19.05 3.27 -2.47
N ASP B 239 19.85 4.28 -2.18
CA ASP B 239 21.06 4.05 -1.35
C ASP B 239 20.64 3.63 0.08
N MET B 240 19.55 4.20 0.60
CA MET B 240 19.01 3.89 1.95
C MET B 240 18.46 2.44 1.98
N SER B 241 17.84 1.91 0.92
CA SER B 241 17.50 0.47 0.84
C SER B 241 18.75 -0.38 0.99
N THR B 242 19.78 -0.09 0.22
CA THR B 242 21.04 -0.87 0.31
C THR B 242 21.59 -0.75 1.72
N ALA B 243 21.55 0.43 2.31
CA ALA B 243 22.07 0.68 3.68
C ALA B 243 21.27 -0.15 4.67
N ILE B 244 19.95 -0.20 4.53
CA ILE B 244 19.11 -1.06 5.45
C ILE B 244 19.51 -2.52 5.33
N LEU B 245 19.67 -3.02 4.11
CA LEU B 245 20.09 -4.41 3.90
C LEU B 245 21.49 -4.63 4.50
N GLN B 246 22.40 -3.66 4.35
CA GLN B 246 23.76 -3.75 4.94
C GLN B 246 23.61 -3.89 6.45
N LEU B 247 22.81 -3.01 7.07
CA LEU B 247 22.56 -3.12 8.52
C LEU B 247 22.09 -4.53 8.89
N SER B 248 21.17 -5.11 8.12
CA SER B 248 20.67 -6.47 8.41
C SER B 248 21.78 -7.51 8.27
N GLU B 249 22.51 -7.50 7.16
CA GLU B 249 23.62 -8.45 6.90
C GLU B 249 24.70 -8.34 7.98
N GLU B 250 24.96 -7.16 8.49
CA GLU B 250 26.03 -6.96 9.48
C GLU B 250 25.52 -7.26 10.88
N GLY B 251 24.24 -7.54 11.10
CA GLY B 251 23.75 -7.88 12.45
C GLY B 251 23.36 -6.62 13.24
N GLU B 252 23.49 -5.43 12.66
CA GLU B 252 23.15 -4.16 13.34
C GLU B 252 21.63 -3.96 13.49
N LEU B 253 20.78 -4.35 12.53
CA LEU B 253 19.32 -4.20 12.75
C LEU B 253 18.87 -4.94 14.02
N GLU B 254 19.31 -6.19 14.19
CA GLU B 254 18.93 -7.01 15.36
C GLU B 254 19.43 -6.31 16.64
N LYS B 255 20.62 -5.71 16.64
CA LYS B 255 21.18 -5.00 17.82
C LYS B 255 20.26 -3.83 18.19
N ILE B 256 19.79 -3.08 17.20
CA ILE B 256 18.89 -1.92 17.44
C ILE B 256 17.54 -2.46 17.95
N HIS B 257 17.04 -3.57 17.40
CA HIS B 257 15.80 -4.26 17.89
C HIS B 257 15.94 -4.60 19.38
N ARG B 258 17.09 -5.15 19.81
CA ARG B 258 17.33 -5.58 21.22
C ARG B 258 17.40 -4.37 22.15
N LYS B 259 17.96 -3.25 21.69
CA LYS B 259 18.00 -2.01 22.49
C LYS B 259 16.58 -1.55 22.86
N TRP B 260 15.60 -1.61 21.95
CA TRP B 260 14.29 -0.94 22.18
C TRP B 260 13.18 -1.92 22.58
N LEU B 261 13.26 -3.19 22.19
CA LEU B 261 12.15 -4.18 22.19
C LEU B 261 12.67 -5.52 22.73
N ASN B 262 11.87 -6.58 22.75
CA ASN B 262 12.39 -7.97 22.89
C ASN B 262 11.82 -8.83 21.76
N TYR B 263 12.33 -10.06 21.59
CA TYR B 263 11.71 -11.14 20.79
C TYR B 263 10.84 -12.01 21.72
N LYS B 264 10.15 -11.38 22.68
CA LYS B 264 9.49 -12.04 23.86
C LYS B 264 8.25 -12.80 23.40
N HIS B 265 7.16 -12.09 23.07
CA HIS B 265 5.85 -12.62 22.62
C HIS B 265 5.50 -13.92 23.37
N GLU B 266 5.10 -13.83 24.64
CA GLU B 266 4.50 -14.99 25.38
C GLU B 266 2.98 -15.02 25.11
N CYS B 267 2.35 -13.85 24.96
CA CYS B 267 0.92 -13.72 24.59
C CYS B 267 0.77 -13.62 23.07
N SER B 268 1.90 -13.59 22.35
CA SER B 268 2.11 -14.14 20.98
C SER B 268 1.84 -13.07 19.92
N SER C 18 0.15 -2.71 -39.02
CA SER C 18 0.18 -1.25 -38.79
C SER C 18 0.13 -0.94 -37.28
N ALA C 19 1.15 -1.40 -36.54
CA ALA C 19 1.43 -1.08 -35.11
C ALA C 19 2.51 -2.06 -34.58
N MET C 20 3.71 -2.06 -35.20
CA MET C 20 4.86 -2.98 -34.95
C MET C 20 5.13 -3.11 -33.45
N GLY C 21 4.90 -4.31 -32.89
CA GLY C 21 5.11 -4.62 -31.46
C GLY C 21 6.58 -4.78 -31.11
N SER C 22 6.88 -5.18 -29.88
CA SER C 22 8.25 -5.47 -29.43
C SER C 22 8.37 -6.94 -29.01
N LYS C 23 9.59 -7.42 -28.78
CA LYS C 23 9.81 -8.82 -28.38
C LYS C 23 9.27 -8.99 -26.97
N PRO C 24 8.68 -10.14 -26.62
CA PRO C 24 8.34 -10.44 -25.24
C PRO C 24 9.55 -10.32 -24.30
N LEU C 25 9.31 -10.03 -23.04
CA LEU C 25 10.40 -10.02 -22.03
C LEU C 25 11.02 -11.41 -21.94
N ARG C 26 12.33 -11.44 -21.74
CA ARG C 26 13.11 -12.66 -21.52
C ARG C 26 13.31 -12.79 -20.01
N ILE C 27 12.57 -13.69 -19.35
CA ILE C 27 12.54 -13.75 -17.87
C ILE C 27 13.32 -15.00 -17.49
N GLY C 28 14.48 -14.82 -16.84
CA GLY C 28 15.25 -15.97 -16.35
C GLY C 28 14.63 -16.55 -15.09
N VAL C 29 14.60 -17.88 -15.02
CA VAL C 29 14.00 -18.60 -13.89
C VAL C 29 14.99 -19.68 -13.48
N PRO C 30 15.33 -19.80 -12.17
CA PRO C 30 16.28 -20.80 -11.70
C PRO C 30 15.70 -22.20 -11.89
N ASN C 31 16.51 -23.05 -12.51
CA ASN C 31 16.18 -24.48 -12.77
C ASN C 31 16.52 -25.29 -11.52
N ARG C 32 15.69 -25.15 -10.49
CA ARG C 32 15.96 -25.75 -9.17
C ARG C 32 15.90 -27.28 -9.28
N VAL C 33 16.76 -27.90 -8.48
CA VAL C 33 16.80 -29.38 -8.33
C VAL C 33 16.33 -29.76 -6.94
N SER C 34 16.22 -28.82 -6.02
CA SER C 34 15.71 -29.07 -4.66
C SER C 34 14.69 -27.99 -4.28
N TYR C 35 13.80 -28.27 -3.33
CA TYR C 35 12.74 -27.32 -2.89
C TYR C 35 12.00 -26.78 -4.13
N THR C 36 11.55 -27.69 -4.99
CA THR C 36 11.05 -27.39 -6.35
C THR C 36 9.62 -26.83 -6.29
N ASP C 37 8.97 -26.88 -5.12
CA ASP C 37 7.63 -26.23 -5.01
C ASP C 37 7.78 -24.71 -5.01
N TYR C 38 8.97 -24.16 -4.73
CA TYR C 38 9.14 -22.69 -4.81
C TYR C 38 9.21 -22.26 -6.27
N VAL C 39 10.00 -22.96 -7.08
CA VAL C 39 10.13 -22.65 -8.53
C VAL C 39 10.82 -23.81 -9.20
N SER C 40 10.33 -24.18 -10.39
CA SER C 40 11.02 -25.25 -11.16
C SER C 40 10.50 -25.29 -12.59
N LYS C 41 11.09 -26.20 -13.36
CA LYS C 41 10.64 -26.47 -14.75
C LYS C 41 9.25 -27.10 -14.72
N ASP C 42 8.51 -26.94 -15.82
CA ASP C 42 7.19 -27.58 -16.03
C ASP C 42 7.15 -28.08 -17.48
N LYS C 43 6.62 -29.30 -17.71
CA LYS C 43 6.44 -29.79 -19.10
C LYS C 43 5.29 -29.04 -19.78
N ASN C 44 4.42 -28.40 -18.99
CA ASN C 44 3.20 -27.71 -19.52
C ASN C 44 3.53 -26.24 -19.71
N PRO C 45 2.84 -25.52 -20.61
CA PRO C 45 2.95 -24.07 -20.71
C PRO C 45 2.75 -23.42 -19.36
N PRO C 46 3.50 -22.37 -18.97
CA PRO C 46 4.47 -21.67 -19.80
C PRO C 46 5.92 -22.18 -19.65
N GLY C 47 6.09 -23.41 -19.20
CA GLY C 47 7.37 -24.14 -19.14
C GLY C 47 8.05 -24.04 -17.78
N VAL C 48 7.45 -23.29 -16.85
CA VAL C 48 7.94 -23.16 -15.45
C VAL C 48 6.73 -23.17 -14.52
N ARG C 49 6.95 -23.45 -13.24
CA ARG C 49 5.84 -23.53 -12.29
C ARG C 49 6.39 -23.27 -10.89
N GLY C 50 5.48 -23.08 -9.95
CA GLY C 50 5.77 -23.05 -8.53
C GLY C 50 5.28 -21.78 -7.87
N TYR C 51 5.46 -21.69 -6.58
CA TYR C 51 5.01 -20.56 -5.74
C TYR C 51 5.43 -19.22 -6.37
N CYS C 52 6.72 -19.07 -6.71
CA CYS C 52 7.22 -17.78 -7.21
C CYS C 52 6.62 -17.45 -8.58
N ILE C 53 6.37 -18.44 -9.45
CA ILE C 53 5.75 -18.20 -10.76
C ILE C 53 4.31 -17.74 -10.55
N ASP C 54 3.58 -18.42 -9.69
CA ASP C 54 2.17 -18.03 -9.43
C ASP C 54 2.11 -16.65 -8.81
N VAL C 55 3.05 -16.28 -7.91
CA VAL C 55 3.05 -14.89 -7.39
C VAL C 55 3.32 -13.94 -8.55
N PHE C 56 4.29 -14.25 -9.38
CA PHE C 56 4.65 -13.30 -10.46
C PHE C 56 3.43 -13.13 -11.37
N GLU C 57 2.82 -14.25 -11.79
CA GLU C 57 1.67 -14.26 -12.74
C GLU C 57 0.48 -13.52 -12.11
N ALA C 58 0.26 -13.69 -10.82
CA ALA C 58 -0.85 -12.99 -10.15
C ALA C 58 -0.61 -11.49 -10.07
N ALA C 59 0.63 -11.05 -9.84
CA ALA C 59 1.00 -9.62 -9.84
C ALA C 59 0.86 -9.06 -11.25
N ILE C 60 1.33 -9.76 -12.29
CA ILE C 60 1.16 -9.28 -13.70
C ILE C 60 -0.34 -9.05 -13.96
N GLU C 61 -1.18 -9.97 -13.49
CA GLU C 61 -2.64 -9.97 -13.77
C GLU C 61 -3.24 -8.67 -13.23
N LEU C 62 -2.64 -8.03 -12.22
CA LEU C 62 -3.23 -6.82 -11.61
C LEU C 62 -2.85 -5.53 -12.34
N LEU C 63 -1.84 -5.54 -13.23
CA LEU C 63 -1.39 -4.36 -14.01
C LEU C 63 -2.46 -4.06 -15.05
N PRO C 64 -2.68 -2.77 -15.33
CA PRO C 64 -3.73 -2.35 -16.27
C PRO C 64 -3.27 -2.37 -17.74
N TYR C 65 -2.15 -3.04 -18.01
CA TYR C 65 -1.54 -3.19 -19.35
C TYR C 65 -1.01 -4.62 -19.46
N PRO C 66 -0.89 -5.17 -20.68
CA PRO C 66 -0.33 -6.50 -20.82
C PRO C 66 1.19 -6.49 -20.71
N VAL C 67 1.77 -7.65 -20.39
CA VAL C 67 3.25 -7.77 -20.38
C VAL C 67 3.64 -9.05 -21.09
N PRO C 68 3.74 -9.06 -22.45
CA PRO C 68 4.23 -10.26 -23.16
C PRO C 68 5.57 -10.72 -22.58
N ARG C 69 5.66 -12.00 -22.32
CA ARG C 69 6.79 -12.51 -21.55
C ARG C 69 7.02 -13.98 -21.87
N THR C 70 8.27 -14.36 -21.78
CA THR C 70 8.76 -15.73 -21.91
C THR C 70 9.62 -16.06 -20.71
N TYR C 71 9.51 -17.27 -20.20
CA TYR C 71 10.37 -17.78 -19.11
C TYR C 71 11.45 -18.66 -19.74
N ILE C 72 12.68 -18.48 -19.27
CA ILE C 72 13.87 -19.18 -19.78
C ILE C 72 14.58 -19.80 -18.55
N LEU C 73 14.73 -21.12 -18.55
CA LEU C 73 15.32 -21.83 -17.40
C LEU C 73 16.81 -21.56 -17.34
N TYR C 74 17.29 -21.35 -16.15
CA TYR C 74 18.72 -21.00 -15.93
C TYR C 74 19.27 -22.02 -14.97
N GLY C 75 20.25 -22.80 -15.43
CA GLY C 75 20.91 -23.87 -14.66
C GLY C 75 20.95 -25.15 -15.42
N ASP C 76 22.02 -25.91 -15.20
CA ASP C 76 22.26 -27.19 -15.93
C ASP C 76 21.29 -28.30 -15.55
N GLY C 77 20.44 -28.13 -14.53
CA GLY C 77 19.50 -29.18 -14.12
C GLY C 77 20.17 -30.31 -13.34
N LYS C 78 21.45 -30.18 -12.99
CA LYS C 78 22.19 -31.16 -12.14
C LYS C 78 22.28 -30.60 -10.72
N ARG C 79 22.59 -29.31 -10.64
CA ARG C 79 22.77 -28.59 -9.36
C ARG C 79 21.95 -27.28 -9.46
N ASN C 80 21.50 -26.81 -8.33
CA ASN C 80 20.84 -25.49 -8.32
C ASN C 80 21.82 -24.50 -8.96
N PRO C 81 21.33 -23.54 -9.75
CA PRO C 81 22.22 -22.57 -10.39
C PRO C 81 22.79 -21.59 -9.38
N SER C 82 23.85 -20.92 -9.79
CA SER C 82 24.35 -19.70 -9.13
C SER C 82 23.31 -18.59 -9.23
N TYR C 83 22.75 -18.18 -8.10
CA TYR C 83 21.79 -17.06 -8.09
C TYR C 83 22.49 -15.72 -8.33
N ASP C 84 23.73 -15.55 -7.88
CA ASP C 84 24.47 -14.33 -8.26
C ASP C 84 24.61 -14.27 -9.79
N ASN C 85 24.92 -15.39 -10.43
CA ASN C 85 25.09 -15.44 -11.90
C ASN C 85 23.75 -15.12 -12.58
N LEU C 86 22.65 -15.67 -12.09
CA LEU C 86 21.31 -15.35 -12.64
C LEU C 86 21.05 -13.83 -12.56
N VAL C 87 21.30 -13.18 -11.44
CA VAL C 87 21.17 -11.69 -11.32
C VAL C 87 22.15 -11.03 -12.32
N ASN C 88 23.39 -11.52 -12.44
CA ASN C 88 24.39 -11.00 -13.40
C ASN C 88 23.86 -11.06 -14.85
N GLU C 89 23.09 -12.07 -15.22
CA GLU C 89 22.50 -12.18 -16.59
C GLU C 89 21.50 -11.02 -16.83
N VAL C 90 20.72 -10.64 -15.83
CA VAL C 90 19.87 -9.42 -15.87
C VAL C 90 20.73 -8.17 -16.07
N VAL C 91 21.76 -7.98 -15.26
CA VAL C 91 22.66 -6.81 -15.40
C VAL C 91 23.25 -6.76 -16.82
N ALA C 92 23.63 -7.91 -17.36
CA ALA C 92 24.32 -8.08 -18.66
C ALA C 92 23.34 -7.95 -19.83
N ASP C 93 22.04 -7.86 -19.52
CA ASP C 93 20.95 -7.76 -20.51
C ASP C 93 20.84 -9.06 -21.33
N ASN C 94 21.20 -10.24 -20.78
CA ASN C 94 20.89 -11.53 -21.39
C ASN C 94 19.49 -12.00 -20.91
N PHE C 95 19.02 -11.43 -19.81
CA PHE C 95 17.59 -11.46 -19.39
C PHE C 95 17.15 -10.03 -19.11
N ASP C 96 15.83 -9.80 -19.23
CA ASP C 96 15.22 -8.51 -18.85
C ASP C 96 14.82 -8.51 -17.39
N VAL C 97 14.55 -9.70 -16.83
CA VAL C 97 13.99 -9.90 -15.47
C VAL C 97 14.47 -11.28 -15.01
N ALA C 98 14.65 -11.42 -13.72
CA ALA C 98 14.77 -12.72 -13.08
C ALA C 98 13.65 -12.91 -12.08
N VAL C 99 13.06 -14.10 -12.16
CA VAL C 99 11.87 -14.47 -11.36
C VAL C 99 12.13 -15.81 -10.70
N GLY C 100 11.97 -15.83 -9.37
CA GLY C 100 12.09 -17.03 -8.56
C GLY C 100 12.38 -16.63 -7.14
N ASP C 101 13.03 -17.55 -6.44
CA ASP C 101 13.36 -17.46 -4.99
C ASP C 101 14.66 -16.68 -4.82
N ILE C 102 14.66 -15.42 -5.27
CA ILE C 102 15.91 -14.62 -5.38
C ILE C 102 16.02 -13.74 -4.14
N THR C 103 17.01 -14.02 -3.30
CA THR C 103 17.22 -13.28 -2.05
C THR C 103 17.76 -11.88 -2.34
N ILE C 104 17.17 -10.90 -1.68
CA ILE C 104 17.57 -9.48 -1.83
C ILE C 104 18.76 -9.24 -0.89
N VAL C 105 19.94 -9.11 -1.46
CA VAL C 105 21.18 -8.85 -0.66
C VAL C 105 21.96 -7.76 -1.37
N THR C 106 22.84 -7.07 -0.62
CA THR C 106 23.49 -5.80 -1.03
C THR C 106 24.34 -5.96 -2.29
N ASN C 107 25.07 -7.04 -2.46
CA ASN C 107 25.86 -7.26 -3.71
C ASN C 107 24.93 -7.37 -4.95
N ARG C 108 23.65 -7.63 -4.77
CA ARG C 108 22.67 -7.65 -5.89
C ARG C 108 21.90 -6.34 -6.03
N THR C 109 21.56 -5.69 -4.93
CA THR C 109 20.70 -4.45 -4.92
C THR C 109 21.52 -3.32 -5.50
N ARG C 110 22.85 -3.45 -5.55
CA ARG C 110 23.68 -2.37 -6.10
C ARG C 110 23.55 -2.36 -7.63
N TYR C 111 23.13 -3.45 -8.28
CA TYR C 111 23.18 -3.57 -9.75
C TYR C 111 21.81 -3.78 -10.40
N VAL C 112 20.84 -4.29 -9.65
CA VAL C 112 19.47 -4.53 -10.21
C VAL C 112 18.43 -3.86 -9.33
N ASP C 113 17.22 -3.73 -9.88
CA ASP C 113 16.10 -3.12 -9.12
C ASP C 113 15.17 -4.25 -8.69
N PHE C 114 15.18 -4.58 -7.43
CA PHE C 114 14.24 -5.58 -6.89
C PHE C 114 12.90 -4.91 -6.63
N THR C 115 11.84 -5.70 -6.73
CA THR C 115 10.55 -5.35 -6.10
C THR C 115 10.65 -5.35 -4.57
N GLN C 116 9.63 -4.82 -3.91
CA GLN C 116 9.34 -5.15 -2.51
C GLN C 116 9.31 -6.67 -2.43
N PRO C 117 9.69 -7.25 -1.30
CA PRO C 117 9.72 -8.69 -1.17
C PRO C 117 8.31 -9.26 -1.20
N PHE C 118 8.15 -10.43 -1.80
CA PHE C 118 6.85 -11.13 -1.80
C PHE C 118 6.81 -12.19 -0.70
N ILE C 119 7.96 -12.52 -0.11
CA ILE C 119 8.04 -13.42 1.07
C ILE C 119 9.25 -13.02 1.91
N GLU C 120 9.16 -13.18 3.24
CA GLU C 120 10.26 -12.84 4.15
C GLU C 120 11.25 -14.00 4.18
N SER C 121 12.52 -13.69 4.34
CA SER C 121 13.54 -14.75 4.44
C SER C 121 14.62 -14.34 5.42
N GLY C 122 15.64 -15.17 5.54
CA GLY C 122 16.77 -14.94 6.46
C GLY C 122 17.39 -16.29 6.74
N LEU C 123 18.59 -16.30 7.30
CA LEU C 123 19.38 -17.54 7.51
C LEU C 123 19.13 -18.08 8.90
N VAL C 124 19.09 -19.42 8.97
CA VAL C 124 18.99 -20.18 10.24
C VAL C 124 20.04 -21.29 10.23
N VAL C 125 20.41 -21.69 11.44
CA VAL C 125 21.28 -22.87 11.69
C VAL C 125 20.38 -24.08 11.96
N VAL C 126 20.64 -25.18 11.25
CA VAL C 126 19.91 -26.46 11.45
C VAL C 126 20.91 -27.51 11.93
N ALA C 127 20.64 -28.12 13.07
CA ALA C 127 21.49 -29.19 13.64
C ALA C 127 20.61 -30.33 14.12
N PRO C 128 21.19 -31.52 14.35
CA PRO C 128 20.41 -32.64 14.88
C PRO C 128 19.86 -32.29 16.27
N VAL C 129 18.62 -32.67 16.56
CA VAL C 129 17.97 -32.54 17.92
C VAL C 129 18.91 -33.13 18.98
N LYS C 130 19.34 -34.39 18.80
CA LYS C 130 20.31 -35.08 19.68
C LYS C 130 21.69 -34.49 19.40
N GLU C 131 21.84 -33.19 19.66
CA GLU C 131 22.66 -32.24 18.86
C GLU C 131 24.16 -32.55 18.98
N ALA C 132 24.96 -31.83 18.19
CA ALA C 132 26.45 -31.83 18.20
C ALA C 132 26.96 -31.57 19.64
N GLY C 133 26.08 -31.10 20.53
CA GLY C 133 26.33 -30.95 21.98
C GLY C 133 26.99 -29.62 22.29
N THR C 134 27.20 -28.80 21.25
CA THR C 134 28.06 -27.59 21.24
C THR C 134 27.46 -26.50 20.34
N ILE C 135 26.64 -26.87 19.34
CA ILE C 135 26.12 -25.92 18.30
C ILE C 135 24.74 -25.43 18.76
N GLU C 136 24.66 -24.19 19.26
CA GLU C 136 23.41 -23.60 19.79
C GLU C 136 23.02 -22.37 18.96
N GLY C 137 23.73 -22.09 17.87
CA GLY C 137 23.42 -20.93 17.00
C GLY C 137 24.60 -20.55 16.15
N ILE C 138 24.46 -19.47 15.38
CA ILE C 138 25.50 -19.05 14.42
C ILE C 138 26.78 -18.72 15.19
N ASP C 139 26.70 -18.04 16.34
CA ASP C 139 27.92 -17.67 17.12
C ASP C 139 28.78 -18.90 17.43
N SER C 140 28.20 -19.94 18.04
CA SER C 140 28.89 -21.19 18.46
C SER C 140 29.24 -22.00 17.21
N LEU C 141 28.49 -21.86 16.13
CA LEU C 141 28.79 -22.63 14.90
C LEU C 141 30.07 -22.08 14.30
N VAL C 142 30.27 -20.76 14.36
CA VAL C 142 31.47 -20.09 13.79
C VAL C 142 32.68 -20.57 14.60
N THR C 143 32.58 -20.50 15.94
CA THR C 143 33.72 -20.79 16.85
C THR C 143 34.06 -22.30 16.81
N SER C 144 33.12 -23.21 16.48
CA SER C 144 33.34 -24.68 16.50
C SER C 144 34.49 -25.09 15.56
N ASN C 145 34.75 -24.35 14.49
CA ASN C 145 35.67 -24.69 13.36
C ASN C 145 35.25 -25.98 12.64
N GLU C 146 34.01 -26.42 12.83
CA GLU C 146 33.48 -27.65 12.18
C GLU C 146 32.90 -27.31 10.79
N PRO C 147 32.72 -28.32 9.90
CA PRO C 147 32.15 -28.07 8.58
C PRO C 147 30.68 -27.61 8.67
N ILE C 148 30.31 -26.74 7.74
CA ILE C 148 28.95 -26.14 7.60
C ILE C 148 28.42 -26.50 6.23
N GLY C 149 27.21 -27.04 6.19
CA GLY C 149 26.54 -27.41 4.93
C GLY C 149 25.76 -26.22 4.37
N VAL C 150 25.79 -26.02 3.05
CA VAL C 150 24.96 -24.98 2.40
C VAL C 150 24.37 -25.59 1.14
N GLN C 151 23.35 -24.95 0.54
CA GLN C 151 22.91 -25.34 -0.82
C GLN C 151 23.98 -24.95 -1.85
N ASP C 152 23.94 -25.58 -3.03
CA ASP C 152 24.55 -25.06 -4.28
C ASP C 152 23.90 -23.73 -4.65
N GLY C 153 24.72 -22.75 -5.03
CA GLY C 153 24.25 -21.57 -5.80
C GLY C 153 23.71 -20.47 -4.89
N THR C 154 23.71 -20.66 -3.59
CA THR C 154 23.06 -19.69 -2.67
C THR C 154 24.05 -18.55 -2.38
N PHE C 155 23.52 -17.37 -2.07
CA PHE C 155 24.26 -16.24 -1.49
C PHE C 155 24.87 -16.62 -0.14
N ALA C 156 24.33 -17.65 0.53
CA ALA C 156 24.76 -17.93 1.92
C ALA C 156 26.27 -18.24 1.94
N ARG C 157 26.83 -18.88 0.91
CA ARG C 157 28.28 -19.29 1.01
C ARG C 157 29.13 -18.03 1.23
N ASN C 158 28.97 -17.01 0.40
CA ASN C 158 29.79 -15.77 0.49
C ASN C 158 29.39 -14.94 1.70
N TYR C 159 28.16 -15.01 2.15
CA TYR C 159 27.75 -14.38 3.42
C TYR C 159 28.63 -14.96 4.51
N LEU C 160 28.73 -16.27 4.56
CA LEU C 160 29.52 -16.94 5.63
C LEU C 160 31.00 -16.55 5.49
N ILE C 161 31.52 -16.54 4.28
CA ILE C 161 32.98 -16.27 4.08
C ILE C 161 33.28 -14.81 4.39
N ASN C 162 32.47 -13.90 3.87
CA ASN C 162 32.79 -12.45 3.82
C ASN C 162 32.29 -11.77 5.08
N GLU C 163 31.09 -12.08 5.56
CA GLU C 163 30.49 -11.39 6.71
C GLU C 163 30.96 -12.00 8.02
N LEU C 164 31.14 -13.33 8.12
CA LEU C 164 31.44 -13.97 9.43
C LEU C 164 32.86 -14.55 9.44
N ASN C 165 33.61 -14.38 8.37
CA ASN C 165 35.06 -14.69 8.24
C ASN C 165 35.23 -16.18 8.46
N ILE C 166 34.30 -17.01 7.98
CA ILE C 166 34.48 -18.50 8.03
C ILE C 166 35.49 -18.91 6.95
N LEU C 167 36.41 -19.83 7.29
CA LEU C 167 37.41 -20.37 6.33
C LEU C 167 36.64 -21.03 5.21
N PRO C 168 36.85 -20.65 3.93
CA PRO C 168 36.10 -21.27 2.84
C PRO C 168 36.09 -22.81 2.84
N SER C 169 37.17 -23.45 3.29
CA SER C 169 37.30 -24.93 3.26
C SER C 169 36.24 -25.59 4.17
N ARG C 170 35.64 -24.85 5.09
CA ARG C 170 34.66 -25.40 6.05
C ARG C 170 33.28 -25.52 5.38
N ILE C 171 33.13 -24.83 4.26
CA ILE C 171 31.80 -24.69 3.62
C ILE C 171 31.67 -25.87 2.66
N VAL C 172 30.65 -26.68 2.88
CA VAL C 172 30.40 -27.92 2.11
C VAL C 172 29.09 -27.73 1.36
N PRO C 173 29.14 -27.61 0.03
CA PRO C 173 27.92 -27.54 -0.76
C PRO C 173 27.26 -28.92 -0.80
N LEU C 174 25.94 -28.91 -0.69
CA LEU C 174 25.09 -30.11 -0.72
C LEU C 174 24.05 -30.00 -1.84
N LYS C 175 23.84 -31.08 -2.60
CA LYS C 175 23.16 -31.02 -3.93
C LYS C 175 21.63 -30.99 -3.81
N ASP C 176 21.05 -31.63 -2.81
CA ASP C 176 19.63 -32.04 -2.87
C ASP C 176 19.24 -32.61 -1.50
N GLU C 177 17.97 -32.97 -1.35
CA GLU C 177 17.40 -33.41 -0.05
C GLU C 177 18.20 -34.60 0.49
N GLU C 178 18.56 -35.56 -0.36
CA GLU C 178 19.33 -36.73 0.15
C GLU C 178 20.63 -36.24 0.82
N GLN C 179 21.35 -35.33 0.19
CA GLN C 179 22.61 -34.81 0.76
C GLN C 179 22.36 -33.90 1.97
N TYR C 180 21.27 -33.13 2.05
CA TYR C 180 20.98 -32.30 3.24
C TYR C 180 20.84 -33.28 4.41
N LEU C 181 20.06 -34.34 4.23
CA LEU C 181 19.79 -35.34 5.28
C LEU C 181 21.06 -36.14 5.63
N SER C 182 21.78 -36.59 4.63
CA SER C 182 22.98 -37.45 4.80
C SER C 182 24.05 -36.64 5.53
N ALA C 183 24.26 -35.38 5.13
CA ALA C 183 25.35 -34.57 5.73
C ALA C 183 25.06 -34.36 7.22
N LEU C 184 23.81 -34.08 7.57
CA LEU C 184 23.42 -33.87 8.99
C LEU C 184 23.54 -35.20 9.75
N GLN C 185 23.17 -36.30 9.11
CA GLN C 185 23.14 -37.65 9.77
C GLN C 185 24.59 -38.09 10.03
N ARG C 186 25.51 -37.85 9.08
CA ARG C 186 26.92 -38.30 9.18
C ARG C 186 27.67 -37.49 10.23
N GLY C 187 27.44 -36.17 10.28
CA GLY C 187 28.11 -35.31 11.26
C GLY C 187 29.50 -34.93 10.79
N PRO C 188 30.15 -34.05 11.56
CA PRO C 188 31.33 -33.35 11.11
C PRO C 188 32.58 -34.24 11.06
N ASN C 189 32.54 -35.43 11.66
CA ASN C 189 33.74 -36.30 11.76
C ASN C 189 33.60 -37.54 10.87
N ALA C 190 32.52 -37.64 10.08
CA ALA C 190 32.30 -38.82 9.23
C ALA C 190 31.75 -38.38 7.86
N GLY C 191 32.36 -37.34 7.31
CA GLY C 191 32.16 -36.87 5.93
C GLY C 191 30.91 -36.00 5.77
N GLY C 192 30.40 -35.49 6.89
CA GLY C 192 29.18 -34.66 6.92
C GLY C 192 29.50 -33.30 7.51
N VAL C 193 28.49 -32.73 8.16
CA VAL C 193 28.56 -31.32 8.64
C VAL C 193 28.03 -31.27 10.06
N ALA C 194 28.45 -30.24 10.79
CA ALA C 194 27.96 -29.97 12.16
C ALA C 194 26.58 -29.32 12.09
N ALA C 195 26.29 -28.60 11.01
CA ALA C 195 24.98 -27.94 10.84
C ALA C 195 24.83 -27.50 9.38
N ILE C 196 23.60 -27.20 9.01
CA ILE C 196 23.31 -26.56 7.69
C ILE C 196 22.95 -25.11 8.00
N VAL C 197 23.53 -24.20 7.24
CA VAL C 197 23.05 -22.79 7.24
C VAL C 197 22.27 -22.59 5.96
N ASP C 198 21.01 -22.22 6.08
CA ASP C 198 20.16 -22.05 4.88
C ASP C 198 19.01 -21.11 5.21
N GLU C 199 18.26 -20.70 4.20
CA GLU C 199 17.17 -19.73 4.43
C GLU C 199 15.94 -20.44 5.01
N LEU C 200 15.20 -19.73 5.84
CA LEU C 200 14.08 -20.36 6.59
C LEU C 200 12.98 -20.91 5.66
N PRO C 201 12.59 -20.31 4.52
CA PRO C 201 11.56 -20.95 3.69
C PRO C 201 11.93 -22.38 3.27
N TYR C 202 13.20 -22.63 2.96
CA TYR C 202 13.68 -23.98 2.58
C TYR C 202 13.68 -24.87 3.82
N ILE C 203 14.13 -24.34 4.93
CA ILE C 203 14.27 -25.15 6.18
C ILE C 203 12.87 -25.51 6.70
N GLU C 204 11.86 -24.67 6.48
CA GLU C 204 10.48 -25.05 6.87
C GLU C 204 10.07 -26.32 6.10
N VAL C 205 10.53 -26.52 4.87
CA VAL C 205 10.23 -27.74 4.09
C VAL C 205 11.07 -28.91 4.62
N LEU C 206 12.38 -28.71 4.81
CA LEU C 206 13.26 -29.78 5.31
C LEU C 206 12.70 -30.34 6.63
N LEU C 207 12.29 -29.47 7.54
CA LEU C 207 11.89 -29.88 8.92
C LEU C 207 10.55 -30.61 8.90
N THR C 208 9.78 -30.46 7.83
CA THR C 208 8.45 -31.09 7.62
C THR C 208 8.62 -32.49 7.02
N ASN C 209 9.84 -32.86 6.61
CA ASN C 209 10.12 -34.05 5.74
C ASN C 209 11.41 -34.73 6.20
N SER C 210 11.69 -34.74 7.50
CA SER C 210 12.93 -35.32 8.07
C SER C 210 12.63 -36.07 9.38
N ASN C 211 11.41 -36.58 9.55
CA ASN C 211 11.01 -37.37 10.76
C ASN C 211 11.45 -36.69 12.06
N CYS C 212 11.38 -35.36 12.18
CA CYS C 212 11.60 -34.60 13.45
C CYS C 212 12.99 -34.83 14.06
N LYS C 213 13.99 -35.20 13.26
CA LYS C 213 15.37 -35.47 13.75
C LYS C 213 16.19 -34.18 13.89
N PHE C 214 15.76 -33.10 13.24
CA PHE C 214 16.56 -31.84 13.11
C PHE C 214 15.76 -30.70 13.68
N ARG C 215 16.45 -29.63 14.03
CA ARG C 215 15.77 -28.38 14.43
C ARG C 215 16.62 -27.19 14.06
N THR C 216 15.99 -26.01 14.08
CA THR C 216 16.71 -24.74 14.13
C THR C 216 17.24 -24.55 15.54
N VAL C 217 18.44 -24.02 15.64
CA VAL C 217 19.09 -23.63 16.92
C VAL C 217 19.48 -22.16 16.82
N GLY C 218 19.19 -21.38 17.86
CA GLY C 218 19.53 -19.95 17.90
C GLY C 218 18.58 -19.08 17.08
N GLN C 219 18.95 -17.81 16.91
CA GLN C 219 18.07 -16.80 16.28
C GLN C 219 18.31 -16.79 14.75
N GLU C 220 17.29 -16.42 14.00
CA GLU C 220 17.42 -16.11 12.56
C GLU C 220 18.29 -14.88 12.39
N PHE C 221 19.06 -14.82 11.31
CA PHE C 221 19.98 -13.70 11.03
C PHE C 221 19.91 -13.29 9.56
N THR C 222 20.54 -12.16 9.23
CA THR C 222 20.49 -11.42 7.95
C THR C 222 19.09 -11.51 7.32
N ARG C 223 18.09 -11.18 8.11
CA ARG C 223 16.70 -11.07 7.63
C ARG C 223 16.64 -10.21 6.36
N THR C 224 15.84 -10.68 5.40
CA THR C 224 15.54 -9.99 4.14
C THR C 224 14.30 -10.62 3.55
N GLY C 225 14.28 -10.76 2.25
CA GLY C 225 13.16 -11.41 1.57
C GLY C 225 13.57 -11.83 0.20
N TRP C 226 12.63 -12.38 -0.53
CA TRP C 226 12.78 -12.74 -1.95
C TRP C 226 12.05 -11.71 -2.78
N GLY C 227 12.61 -11.38 -3.90
CA GLY C 227 11.96 -10.43 -4.79
C GLY C 227 12.27 -10.73 -6.21
N PHE C 228 11.59 -10.02 -7.08
CA PHE C 228 11.80 -10.13 -8.53
C PHE C 228 12.85 -9.09 -8.93
N ALA C 229 13.80 -9.51 -9.77
CA ALA C 229 14.93 -8.67 -10.16
C ALA C 229 14.69 -8.10 -11.56
N PHE C 230 14.55 -6.77 -11.65
CA PHE C 230 14.45 -6.01 -12.91
C PHE C 230 15.75 -5.27 -13.17
N GLN C 231 15.88 -4.77 -14.40
CA GLN C 231 17.02 -3.88 -14.73
C GLN C 231 16.84 -2.54 -14.03
N ARG C 232 17.98 -1.95 -13.67
CA ARG C 232 18.05 -0.59 -13.07
C ARG C 232 17.03 0.34 -13.79
N ASP C 233 16.25 1.09 -13.02
CA ASP C 233 15.26 2.15 -13.43
C ASP C 233 14.09 1.56 -14.25
N SER C 234 13.84 0.26 -14.21
CA SER C 234 12.62 -0.38 -14.78
C SER C 234 11.36 0.18 -14.14
N PRO C 235 10.42 0.80 -14.91
CA PRO C 235 9.15 1.24 -14.32
C PRO C 235 8.26 0.02 -13.97
N LEU C 236 8.52 -1.12 -14.62
CA LEU C 236 7.73 -2.35 -14.34
C LEU C 236 8.02 -2.85 -12.92
N ALA C 237 9.25 -2.66 -12.40
CA ALA C 237 9.61 -2.95 -11.00
C ALA C 237 8.72 -2.15 -10.04
N VAL C 238 8.45 -0.87 -10.35
CA VAL C 238 7.64 0.00 -9.45
C VAL C 238 6.19 -0.53 -9.47
N ASP C 239 5.67 -0.84 -10.65
CA ASP C 239 4.24 -1.25 -10.72
C ASP C 239 4.09 -2.64 -10.09
N MET C 240 5.09 -3.51 -10.26
CA MET C 240 5.02 -4.87 -9.69
C MET C 240 5.15 -4.82 -8.16
N SER C 241 5.89 -3.87 -7.59
CA SER C 241 5.91 -3.70 -6.12
C SER C 241 4.49 -3.41 -5.63
N THR C 242 3.79 -2.49 -6.29
CA THR C 242 2.43 -2.15 -5.83
C THR C 242 1.52 -3.38 -5.98
N ALA C 243 1.67 -4.15 -7.05
CA ALA C 243 0.85 -5.34 -7.31
C ALA C 243 1.11 -6.39 -6.25
N ILE C 244 2.37 -6.55 -5.82
CA ILE C 244 2.68 -7.53 -4.75
C ILE C 244 1.94 -7.14 -3.47
N LEU C 245 1.95 -5.86 -3.14
CA LEU C 245 1.27 -5.33 -1.94
C LEU C 245 -0.25 -5.53 -2.05
N GLN C 246 -0.81 -5.37 -3.26
CA GLN C 246 -2.25 -5.63 -3.49
C GLN C 246 -2.54 -7.12 -3.26
N LEU C 247 -1.68 -8.02 -3.72
CA LEU C 247 -1.83 -9.47 -3.48
C LEU C 247 -1.89 -9.73 -1.99
N SER C 248 -0.97 -9.11 -1.24
CA SER C 248 -0.93 -9.30 0.23
C SER C 248 -2.26 -8.85 0.83
N GLU C 249 -2.69 -7.65 0.50
CA GLU C 249 -3.87 -6.99 1.14
C GLU C 249 -5.12 -7.77 0.79
N GLU C 250 -5.18 -8.36 -0.40
CA GLU C 250 -6.35 -9.16 -0.87
C GLU C 250 -6.36 -10.55 -0.23
N GLY C 251 -5.23 -10.97 0.32
CA GLY C 251 -5.01 -12.31 0.86
C GLY C 251 -4.56 -13.32 -0.20
N GLU C 252 -4.27 -12.86 -1.42
CA GLU C 252 -3.84 -13.78 -2.50
C GLU C 252 -2.43 -14.34 -2.24
N LEU C 253 -1.48 -13.59 -1.66
CA LEU C 253 -0.12 -14.14 -1.42
C LEU C 253 -0.19 -15.35 -0.48
N GLU C 254 -1.01 -15.26 0.58
CA GLU C 254 -1.12 -16.35 1.56
C GLU C 254 -1.84 -17.52 0.91
N LYS C 255 -2.79 -17.24 0.03
CA LYS C 255 -3.52 -18.31 -0.66
C LYS C 255 -2.53 -19.05 -1.58
N ILE C 256 -1.68 -18.34 -2.27
CA ILE C 256 -0.71 -19.02 -3.19
C ILE C 256 0.30 -19.80 -2.33
N HIS C 257 0.65 -19.29 -1.16
CA HIS C 257 1.57 -20.02 -0.25
C HIS C 257 0.93 -21.37 0.09
N ARG C 258 -0.35 -21.37 0.48
CA ARG C 258 -1.05 -22.59 0.92
C ARG C 258 -1.28 -23.57 -0.24
N LYS C 259 -1.40 -23.11 -1.48
CA LYS C 259 -1.52 -24.00 -2.64
C LYS C 259 -0.27 -24.86 -2.74
N TRP C 260 0.90 -24.25 -2.55
CA TRP C 260 2.20 -24.89 -2.87
C TRP C 260 2.87 -25.53 -1.65
N LEU C 261 2.67 -25.02 -0.45
CA LEU C 261 3.46 -25.42 0.76
C LEU C 261 2.47 -25.94 1.82
N ASN C 262 2.56 -27.23 2.17
CA ASN C 262 1.70 -27.89 3.20
C ASN C 262 2.60 -28.32 4.37
N TYR C 263 2.37 -27.76 5.56
CA TYR C 263 3.22 -27.97 6.77
C TYR C 263 2.56 -28.99 7.73
N LYS C 264 2.34 -30.20 7.23
CA LYS C 264 2.08 -31.42 8.04
C LYS C 264 3.10 -31.44 9.19
N HIS C 265 2.70 -30.98 10.38
CA HIS C 265 3.58 -30.68 11.55
C HIS C 265 3.72 -31.93 12.44
N GLU C 266 4.08 -31.71 13.72
CA GLU C 266 4.57 -32.69 14.73
C GLU C 266 5.79 -32.03 15.40
N CYS C 267 6.91 -32.74 15.57
CA CYS C 267 8.26 -32.22 15.92
C CYS C 267 8.15 -30.92 16.73
N SER D . -17.58 16.68 -8.29
CA SER D . -17.20 15.26 -7.99
C SER D . -15.91 15.28 -7.14
O SER D . -15.51 14.28 -6.50
CB SER D . -17.04 14.46 -9.27
OG SER D . -18.29 14.04 -9.82
OXT SER D . -15.26 16.38 -7.12
C1 GOL E . -12.10 13.86 6.87
O1 GOL E . -11.49 14.70 7.85
C2 GOL E . -11.07 13.16 6.03
O2 GOL E . -10.56 14.08 5.09
C3 GOL E . -9.90 12.59 6.83
O3 GOL E . -8.66 12.85 6.20
N SER F . 2.02 1.81 11.11
CA SER F . 0.65 2.44 10.95
C SER F . 0.46 2.94 9.52
O SER F . -0.71 3.20 9.14
CB SER F . 0.44 3.55 11.95
OG SER F . -0.14 3.07 13.18
OXT SER F . 1.51 3.09 8.87
S SO4 G . 25.99 13.18 8.55
O1 SO4 G . 26.70 12.18 7.80
O2 SO4 G . 25.19 12.57 9.56
O3 SO4 G . 25.15 13.95 7.64
O4 SO4 G . 26.94 14.08 9.19
N SER H . 17.59 -17.85 -2.42
CA SER H . 19.04 -18.19 -2.70
C SER H . 19.74 -16.99 -3.31
O SER H . 20.96 -16.95 -3.33
CB SER H . 19.19 -19.38 -3.58
OG SER H . 19.02 -20.60 -2.84
OXT SER H . 19.07 -16.12 -3.82
S SO4 I . 31.49 -38.85 15.88
O1 SO4 I . 32.74 -38.76 16.60
O2 SO4 I . 30.79 -40.02 16.33
O3 SO4 I . 30.70 -37.68 16.14
O4 SO4 I . 31.75 -38.95 14.47
S SO4 J . -1.18 -10.43 -19.83
O1 SO4 J . -1.83 -9.39 -19.09
O2 SO4 J . -0.98 -11.57 -18.95
O3 SO4 J . -2.03 -10.88 -20.91
O4 SO4 J . 0.06 -9.96 -20.39
#